data_4FJ2
#
_entry.id   4FJ2
#
_cell.length_a   62.430
_cell.length_b   115.280
_cell.length_c   69.600
_cell.angle_alpha   90.00
_cell.angle_beta   102.93
_cell.angle_gamma   90.00
#
_symmetry.space_group_name_H-M   'P 1 21 1'
#
loop_
_entity.id
_entity.type
_entity.pdbx_description
1 polymer '17beta-hydroxysteroid dehydrogenase'
2 non-polymer 'NADP NICOTINAMIDE-ADENINE-DINUCLEOTIDE PHOSPHATE'
3 non-polymer 1,2-ETHANEDIOL
4 non-polymer 5,7-dihydroxy-3-(4-methoxyphenyl)-4H-chromen-4-one
5 water water
#
_entity_poly.entity_id   1
_entity_poly.type   'polypeptide(L)'
_entity_poly.pdbx_seq_one_letter_code
;MPHVENASETYIPGRLDGKVALVTGSGRGIGAAVAVHLGRLGAKVVVNYANSTKDAEKVVSEIKALGSDAIAIKADIRQV
PEIVKLFDQAVAHFGHLDIAVSNSGVVSFGHLKDVTEEEFDRVFSLNTRGQFFVAREAYRHLTEGGRIVLTSSNTSKDFS
VPKHSLYSGSKGAVDSFVRIFSKDCGDKKITVNAVAPGGTVTDMFHEVSHHYIPNGTSYTAEQRQQMAAHASPLHRNGWP
QDVANVVGFLVSKEGEWVNGKVLTLDGGAA
;
_entity_poly.pdbx_strand_id   A,B,C,D
#
loop_
_chem_comp.id
_chem_comp.type
_chem_comp.name
_chem_comp.formula
EDO non-polymer 1,2-ETHANEDIOL 'C2 H6 O2'
NAP non-polymer 'NADP NICOTINAMIDE-ADENINE-DINUCLEOTIDE PHOSPHATE' 'C21 H28 N7 O17 P3'
QSO non-polymer 5,7-dihydroxy-3-(4-methoxyphenyl)-4H-chromen-4-one 'C16 H12 O5'
#
# COMPACT_ATOMS: atom_id res chain seq x y z
N TYR A 11 -8.45 -35.60 -12.48
CA TYR A 11 -7.83 -34.32 -12.02
C TYR A 11 -7.32 -34.39 -10.56
N ILE A 12 -6.16 -33.78 -10.31
CA ILE A 12 -5.58 -33.70 -8.93
C ILE A 12 -5.41 -32.23 -8.44
N PRO A 13 -5.46 -31.99 -7.11
CA PRO A 13 -5.24 -30.63 -6.53
C PRO A 13 -3.94 -29.87 -6.92
N GLY A 14 -4.08 -28.83 -7.74
CA GLY A 14 -2.97 -27.96 -8.13
C GLY A 14 -2.23 -28.39 -9.39
N ARG A 15 -2.70 -29.43 -10.07
CA ARG A 15 -2.00 -29.94 -11.26
C ARG A 15 -2.41 -29.24 -12.55
N LEU A 16 -1.61 -29.42 -13.58
CA LEU A 16 -1.79 -28.71 -14.83
C LEU A 16 -1.87 -29.66 -16.01
N ASP A 17 -2.33 -30.89 -15.76
CA ASP A 17 -2.39 -31.90 -16.81
C ASP A 17 -3.26 -31.42 -17.96
N GLY A 18 -2.76 -31.55 -19.20
CA GLY A 18 -3.47 -31.10 -20.38
C GLY A 18 -3.20 -29.64 -20.74
N LYS A 19 -2.52 -28.91 -19.85
CA LYS A 19 -2.24 -27.49 -20.08
C LYS A 19 -0.89 -27.28 -20.75
N VAL A 20 -0.76 -26.13 -21.42
CA VAL A 20 0.47 -25.75 -22.07
C VAL A 20 0.88 -24.41 -21.48
N ALA A 21 2.12 -24.34 -21.02
CA ALA A 21 2.64 -23.12 -20.40
C ALA A 21 3.85 -22.59 -21.17
N LEU A 22 4.10 -21.29 -21.04
CA LEU A 22 5.30 -20.64 -21.60
C LEU A 22 5.96 -19.83 -20.49
N VAL A 23 7.29 -19.90 -20.39
CA VAL A 23 8.03 -19.11 -19.40
C VAL A 23 9.17 -18.40 -20.08
N THR A 24 9.17 -17.06 -20.01
CA THR A 24 10.24 -16.27 -20.60
C THR A 24 11.48 -16.41 -19.71
N GLY A 25 12.65 -16.47 -20.35
CA GLY A 25 13.92 -16.59 -19.64
C GLY A 25 13.99 -17.77 -18.69
N SER A 26 13.57 -18.93 -19.16
CA SER A 26 13.52 -20.11 -18.30
C SER A 26 14.69 -21.08 -18.54
N GLY A 27 15.77 -20.57 -19.13
CA GLY A 27 17.00 -21.35 -19.26
C GLY A 27 17.73 -21.43 -17.94
N ARG A 28 17.54 -20.43 -17.07
CA ARG A 28 18.25 -20.42 -15.79
C ARG A 28 17.53 -19.56 -14.76
N GLY A 29 18.07 -19.59 -13.54
CA GLY A 29 17.54 -18.78 -12.45
C GLY A 29 16.11 -19.21 -12.12
N ILE A 30 15.29 -18.22 -11.73
CA ILE A 30 13.94 -18.47 -11.28
C ILE A 30 13.11 -19.12 -12.38
N GLY A 31 13.21 -18.56 -13.58
CA GLY A 31 12.49 -19.08 -14.75
C GLY A 31 12.70 -20.55 -14.99
N ALA A 32 13.94 -21.02 -14.85
CA ALA A 32 14.23 -22.44 -15.01
C ALA A 32 13.47 -23.26 -13.97
N ALA A 33 13.48 -22.83 -12.72
CA ALA A 33 12.75 -23.54 -11.68
C ALA A 33 11.23 -23.51 -11.94
N VAL A 34 10.70 -22.37 -12.41
CA VAL A 34 9.27 -22.29 -12.76
C VAL A 34 8.93 -23.27 -13.89
N ALA A 35 9.74 -23.27 -14.93
CA ALA A 35 9.52 -24.13 -16.09
C ALA A 35 9.46 -25.61 -15.72
N VAL A 36 10.48 -26.06 -15.01
CA VAL A 36 10.55 -27.46 -14.60
C VAL A 36 9.33 -27.80 -13.73
N HIS A 37 8.98 -26.89 -12.84
CA HIS A 37 7.86 -27.11 -11.92
C HIS A 37 6.54 -27.16 -12.61
N LEU A 38 6.33 -26.33 -13.61
CA LEU A 38 5.09 -26.40 -14.39
C LEU A 38 5.00 -27.74 -15.12
N GLY A 39 6.14 -28.22 -15.60
CA GLY A 39 6.23 -29.56 -16.16
C GLY A 39 5.93 -30.65 -15.14
N ARG A 40 6.52 -30.54 -13.95
CA ARG A 40 6.25 -31.48 -12.87
C ARG A 40 4.76 -31.52 -12.56
N LEU A 41 4.09 -30.37 -12.62
CA LEU A 41 2.64 -30.32 -12.36
C LEU A 41 1.81 -30.86 -13.52
N GLY A 42 2.46 -31.13 -14.65
CA GLY A 42 1.82 -31.84 -15.75
C GLY A 42 1.70 -31.03 -17.03
N ALA A 43 2.07 -29.74 -17.00
CA ALA A 43 1.99 -28.90 -18.19
C ALA A 43 3.04 -29.29 -19.19
N LYS A 44 2.72 -29.10 -20.46
CA LYS A 44 3.74 -29.05 -21.51
C LYS A 44 4.32 -27.63 -21.47
N VAL A 45 5.64 -27.48 -21.65
CA VAL A 45 6.29 -26.18 -21.44
C VAL A 45 7.10 -25.67 -22.63
N VAL A 46 6.89 -24.40 -22.98
CA VAL A 46 7.75 -23.68 -23.91
C VAL A 46 8.79 -22.96 -23.06
N VAL A 47 10.05 -23.30 -23.29
CA VAL A 47 11.17 -22.77 -22.53
C VAL A 47 11.85 -21.68 -23.37
N ASN A 48 11.59 -20.43 -23.06
CA ASN A 48 12.19 -19.33 -23.79
C ASN A 48 13.55 -18.93 -23.21
N TYR A 49 14.47 -18.59 -24.10
CA TYR A 49 15.77 -18.05 -23.71
C TYR A 49 16.20 -17.02 -24.72
N ALA A 50 17.22 -16.23 -24.36
CA ALA A 50 17.84 -15.27 -25.27
C ALA A 50 19.26 -15.65 -25.61
N ASN A 51 20.00 -16.21 -24.64
CA ASN A 51 21.43 -16.57 -24.83
C ASN A 51 21.82 -17.96 -24.35
N SER A 52 21.17 -18.43 -23.28
CA SER A 52 21.57 -19.66 -22.59
C SER A 52 21.04 -20.91 -23.26
N THR A 53 21.52 -21.18 -24.47
CA THR A 53 21.01 -22.30 -25.25
C THR A 53 21.17 -23.60 -24.50
N LYS A 54 22.38 -23.85 -24.04
CA LYS A 54 22.71 -25.13 -23.38
C LYS A 54 21.85 -25.31 -22.15
N ASP A 55 21.70 -24.26 -21.35
CA ASP A 55 20.87 -24.33 -20.14
C ASP A 55 19.40 -24.56 -20.49
N ALA A 56 18.90 -23.89 -21.52
CA ALA A 56 17.54 -24.08 -21.99
C ALA A 56 17.28 -25.54 -22.37
N GLU A 57 18.25 -26.17 -23.02
CA GLU A 57 18.10 -27.57 -23.39
C GLU A 57 18.16 -28.52 -22.21
N LYS A 58 18.94 -28.19 -21.19
CA LYS A 58 18.92 -28.95 -19.95
C LYS A 58 17.54 -28.90 -19.33
N VAL A 59 16.93 -27.70 -19.29
CA VAL A 59 15.58 -27.55 -18.71
C VAL A 59 14.55 -28.38 -19.49
N VAL A 60 14.58 -28.28 -20.82
CA VAL A 60 13.74 -29.11 -21.68
C VAL A 60 13.88 -30.59 -21.32
N SER A 61 15.11 -31.08 -21.24
CA SER A 61 15.38 -32.47 -20.89
C SER A 61 14.79 -32.88 -19.56
N GLU A 62 15.00 -32.04 -18.55
CA GLU A 62 14.46 -32.32 -17.23
C GLU A 62 12.95 -32.49 -17.28
N ILE A 63 12.29 -31.63 -18.06
CA ILE A 63 10.85 -31.67 -18.20
C ILE A 63 10.41 -32.95 -18.91
N LYS A 64 11.14 -33.37 -19.94
CA LYS A 64 10.84 -34.65 -20.61
C LYS A 64 11.06 -35.83 -19.66
N ALA A 65 12.15 -35.76 -18.90
CA ALA A 65 12.50 -36.82 -17.97
C ALA A 65 11.41 -37.02 -16.93
N LEU A 66 10.85 -35.93 -16.42
CA LEU A 66 9.76 -36.06 -15.46
C LEU A 66 8.40 -36.39 -16.13
N GLY A 67 8.39 -36.68 -17.43
CA GLY A 67 7.23 -37.30 -18.08
C GLY A 67 6.35 -36.34 -18.86
N SER A 68 6.77 -35.09 -18.97
CA SER A 68 6.01 -34.13 -19.75
C SER A 68 6.76 -33.80 -21.03
N ASP A 69 6.31 -32.79 -21.76
CA ASP A 69 6.96 -32.41 -23.01
C ASP A 69 7.35 -30.95 -22.98
N ALA A 70 8.36 -30.59 -23.76
CA ALA A 70 8.82 -29.21 -23.79
C ALA A 70 9.64 -28.90 -25.03
N ILE A 71 9.74 -27.61 -25.34
CA ILE A 71 10.53 -27.14 -26.47
C ILE A 71 11.25 -25.85 -26.04
N ALA A 72 12.50 -25.71 -26.47
CA ALA A 72 13.27 -24.51 -26.22
C ALA A 72 13.10 -23.60 -27.43
N ILE A 73 12.74 -22.33 -27.19
CA ILE A 73 12.62 -21.34 -28.28
C ILE A 73 13.35 -20.04 -27.96
N LYS A 74 14.29 -19.69 -28.82
CA LYS A 74 15.08 -18.48 -28.67
C LYS A 74 14.26 -17.25 -29.07
N ALA A 75 14.26 -16.22 -28.23
CA ALA A 75 13.62 -14.96 -28.55
C ALA A 75 14.06 -13.89 -27.56
N ASP A 76 14.47 -12.75 -28.12
CA ASP A 76 14.89 -11.61 -27.33
C ASP A 76 13.65 -10.83 -26.91
N ILE A 77 13.27 -10.93 -25.64
CA ILE A 77 12.02 -10.29 -25.17
C ILE A 77 12.02 -8.76 -25.25
N ARG A 78 13.16 -8.13 -25.53
CA ARG A 78 13.19 -6.70 -25.79
C ARG A 78 12.55 -6.35 -27.12
N GLN A 79 12.55 -7.31 -28.04
CA GLN A 79 12.01 -7.12 -29.39
C GLN A 79 10.57 -7.61 -29.44
N VAL A 80 9.63 -6.68 -29.46
CA VAL A 80 8.24 -7.03 -29.55
C VAL A 80 7.94 -7.96 -30.72
N PRO A 81 8.53 -7.71 -31.92
CA PRO A 81 8.26 -8.68 -33.00
C PRO A 81 8.70 -10.11 -32.66
N GLU A 82 9.75 -10.26 -31.86
CA GLU A 82 10.18 -11.58 -31.43
C GLU A 82 9.25 -12.20 -30.38
N ILE A 83 8.58 -11.35 -29.60
CA ILE A 83 7.60 -11.82 -28.63
C ILE A 83 6.37 -12.37 -29.37
N VAL A 84 5.93 -11.66 -30.40
CA VAL A 84 4.83 -12.15 -31.25
C VAL A 84 5.19 -13.54 -31.81
N LYS A 85 6.35 -13.64 -32.46
CA LYS A 85 6.83 -14.89 -33.05
C LYS A 85 6.95 -16.00 -32.00
N LEU A 86 7.51 -15.68 -30.84
CA LEU A 86 7.62 -16.65 -29.75
C LEU A 86 6.28 -17.28 -29.45
N PHE A 87 5.25 -16.44 -29.34
CA PHE A 87 3.91 -16.92 -29.01
C PHE A 87 3.28 -17.70 -30.15
N ASP A 88 3.45 -17.22 -31.38
CA ASP A 88 2.96 -17.96 -32.55
C ASP A 88 3.58 -19.35 -32.64
N GLN A 89 4.88 -19.44 -32.40
CA GLN A 89 5.57 -20.73 -32.43
C GLN A 89 5.11 -21.65 -31.31
N ALA A 90 4.81 -21.08 -30.15
CA ALA A 90 4.28 -21.86 -29.04
C ALA A 90 2.99 -22.54 -29.44
N VAL A 91 2.05 -21.76 -29.93
CA VAL A 91 0.74 -22.27 -30.29
C VAL A 91 0.84 -23.23 -31.46
N ALA A 92 1.71 -22.91 -32.42
CA ALA A 92 1.88 -23.76 -33.59
C ALA A 92 2.41 -25.13 -33.19
N HIS A 93 3.30 -25.16 -32.20
CA HIS A 93 3.91 -26.42 -31.79
C HIS A 93 2.98 -27.27 -30.99
N PHE A 94 2.37 -26.69 -29.97
CA PHE A 94 1.57 -27.45 -29.01
C PHE A 94 0.06 -27.40 -29.26
N GLY A 95 -0.39 -26.49 -30.14
CA GLY A 95 -1.81 -26.43 -30.53
C GLY A 95 -2.58 -25.32 -29.82
N HIS A 96 -2.21 -25.05 -28.57
CA HIS A 96 -2.84 -24.00 -27.80
C HIS A 96 -1.95 -23.61 -26.66
N LEU A 97 -2.33 -22.55 -25.94
CA LEU A 97 -1.50 -22.04 -24.85
C LEU A 97 -2.39 -21.56 -23.73
N ASP A 98 -2.13 -22.05 -22.52
CA ASP A 98 -2.99 -21.74 -21.38
C ASP A 98 -2.34 -20.79 -20.37
N ILE A 99 -1.01 -20.88 -20.24
CA ILE A 99 -0.28 -20.24 -19.15
C ILE A 99 0.95 -19.52 -19.71
N ALA A 100 1.13 -18.27 -19.29
CA ALA A 100 2.29 -17.47 -19.69
C ALA A 100 2.88 -16.85 -18.45
N VAL A 101 4.12 -17.22 -18.17
CA VAL A 101 4.86 -16.62 -17.09
C VAL A 101 5.91 -15.73 -17.71
N SER A 102 5.84 -14.46 -17.35
CA SER A 102 6.80 -13.47 -17.79
C SER A 102 7.77 -13.32 -16.65
N ASN A 103 9.01 -13.75 -16.90
CA ASN A 103 10.04 -13.86 -15.88
C ASN A 103 11.32 -13.07 -16.23
N SER A 104 11.65 -12.96 -17.50
CA SER A 104 12.85 -12.28 -17.94
C SER A 104 13.00 -10.90 -17.33
N GLY A 105 14.22 -10.61 -16.88
CA GLY A 105 14.54 -9.34 -16.26
C GLY A 105 16.04 -9.19 -16.08
N VAL A 106 16.47 -7.95 -15.90
CA VAL A 106 17.83 -7.64 -15.52
C VAL A 106 17.79 -6.64 -14.38
N VAL A 107 18.87 -6.59 -13.62
CA VAL A 107 18.95 -5.74 -12.46
C VAL A 107 19.96 -4.63 -12.73
N SER A 108 19.90 -3.56 -11.96
CA SER A 108 20.78 -2.43 -12.20
C SER A 108 20.97 -1.68 -10.90
N PHE A 109 22.11 -1.03 -10.79
CA PHE A 109 22.42 -0.21 -9.64
C PHE A 109 23.15 1.02 -10.08
N GLY A 110 22.84 2.13 -9.45
CA GLY A 110 23.49 3.37 -9.71
C GLY A 110 22.74 4.49 -9.00
N HIS A 111 23.49 5.43 -8.51
CA HIS A 111 22.94 6.67 -8.03
C HIS A 111 22.25 7.38 -9.15
N LEU A 112 21.07 7.93 -8.85
CA LEU A 112 20.31 8.75 -9.79
C LEU A 112 21.18 9.64 -10.66
N LYS A 113 22.11 10.36 -10.02
CA LYS A 113 22.96 11.30 -10.75
C LYS A 113 23.79 10.72 -11.90
N ASP A 114 24.07 9.41 -11.84
CA ASP A 114 24.90 8.73 -12.83
C ASP A 114 24.15 7.83 -13.79
N VAL A 115 22.84 7.68 -13.61
CA VAL A 115 22.07 6.83 -14.51
C VAL A 115 21.93 7.48 -15.89
N THR A 116 22.24 6.72 -16.93
CA THR A 116 22.21 7.21 -18.30
C THR A 116 20.95 6.78 -19.03
N GLU A 117 20.72 7.42 -20.18
CA GLU A 117 19.64 7.04 -21.12
C GLU A 117 19.72 5.56 -21.50
N GLU A 118 20.93 5.12 -21.86
CA GLU A 118 21.15 3.75 -22.29
C GLU A 118 20.84 2.76 -21.19
N GLU A 119 21.20 3.09 -19.95
CA GLU A 119 20.97 2.17 -18.83
C GLU A 119 19.49 2.12 -18.50
N PHE A 120 18.82 3.28 -18.48
CA PHE A 120 17.37 3.30 -18.36
C PHE A 120 16.74 2.39 -19.41
N ASP A 121 17.14 2.58 -20.66
CA ASP A 121 16.54 1.83 -21.75
C ASP A 121 16.84 0.34 -21.61
N ARG A 122 18.09 0.00 -21.29
CA ARG A 122 18.48 -1.40 -21.13
C ARG A 122 17.53 -2.09 -20.16
N VAL A 123 17.26 -1.43 -19.05
CA VAL A 123 16.49 -2.05 -17.95
C VAL A 123 14.99 -2.06 -18.23
N PHE A 124 14.46 -0.90 -18.58
CA PHE A 124 13.03 -0.79 -18.88
C PHE A 124 12.59 -1.58 -20.13
N SER A 125 13.42 -1.65 -21.16
CA SER A 125 13.01 -2.36 -22.37
C SER A 125 12.62 -3.81 -22.10
N LEU A 126 13.27 -4.41 -21.10
CA LEU A 126 13.01 -5.82 -20.79
C LEU A 126 12.06 -5.92 -19.61
N ASN A 127 12.40 -5.25 -18.52
CA ASN A 127 11.66 -5.42 -17.26
C ASN A 127 10.23 -4.90 -17.29
N THR A 128 9.96 -3.88 -18.11
CA THR A 128 8.65 -3.21 -18.10
C THR A 128 7.98 -3.31 -19.48
N ARG A 129 8.64 -2.76 -20.49
CA ARG A 129 8.16 -2.80 -21.86
C ARG A 129 7.98 -4.23 -22.33
N GLY A 130 9.05 -5.03 -22.21
CA GLY A 130 9.00 -6.41 -22.63
C GLY A 130 7.91 -7.17 -21.90
N GLN A 131 7.83 -7.02 -20.58
CA GLN A 131 6.78 -7.70 -19.83
C GLN A 131 5.38 -7.28 -20.29
N PHE A 132 5.22 -5.99 -20.56
CA PHE A 132 3.96 -5.47 -21.03
C PHE A 132 3.53 -6.21 -22.29
N PHE A 133 4.44 -6.35 -23.25
CA PHE A 133 4.05 -6.96 -24.53
C PHE A 133 4.06 -8.49 -24.51
N VAL A 134 4.74 -9.09 -23.54
CA VAL A 134 4.54 -10.51 -23.23
C VAL A 134 3.11 -10.70 -22.76
N ALA A 135 2.64 -9.80 -21.90
CA ALA A 135 1.23 -9.80 -21.45
C ALA A 135 0.26 -9.70 -22.62
N ARG A 136 0.52 -8.73 -23.49
CA ARG A 136 -0.33 -8.48 -24.64
C ARG A 136 -0.43 -9.71 -25.54
N GLU A 137 0.72 -10.29 -25.90
CA GLU A 137 0.71 -11.49 -26.72
C GLU A 137 0.12 -12.68 -25.96
N ALA A 138 0.33 -12.76 -24.64
CA ALA A 138 -0.31 -13.78 -23.83
C ALA A 138 -1.82 -13.68 -23.94
N TYR A 139 -2.38 -12.50 -23.72
CA TYR A 139 -3.84 -12.32 -23.83
C TYR A 139 -4.33 -12.77 -25.20
N ARG A 140 -3.65 -12.32 -26.25
CA ARG A 140 -4.09 -12.62 -27.61
C ARG A 140 -4.11 -14.12 -27.93
N HIS A 141 -3.11 -14.85 -27.44
CA HIS A 141 -2.93 -16.25 -27.79
C HIS A 141 -3.53 -17.23 -26.81
N LEU A 142 -3.76 -16.80 -25.57
CA LEU A 142 -4.24 -17.74 -24.55
C LEU A 142 -5.66 -18.25 -24.78
N THR A 143 -5.88 -19.50 -24.42
CA THR A 143 -7.22 -20.08 -24.35
C THR A 143 -7.94 -19.45 -23.17
N GLU A 144 -9.26 -19.41 -23.27
CA GLU A 144 -10.11 -18.88 -22.20
C GLU A 144 -9.84 -19.60 -20.90
N GLY A 145 -9.85 -18.88 -19.78
CA GLY A 145 -9.62 -19.48 -18.48
C GLY A 145 -8.16 -19.60 -18.14
N GLY A 146 -7.31 -18.99 -18.96
CA GLY A 146 -5.87 -19.09 -18.82
C GLY A 146 -5.28 -18.22 -17.73
N ARG A 147 -3.96 -18.10 -17.74
CA ARG A 147 -3.23 -17.52 -16.62
C ARG A 147 -2.02 -16.76 -17.12
N ILE A 148 -1.85 -15.55 -16.61
CA ILE A 148 -0.69 -14.72 -16.90
C ILE A 148 -0.07 -14.29 -15.58
N VAL A 149 1.24 -14.47 -15.48
CA VAL A 149 1.96 -14.04 -14.29
C VAL A 149 3.19 -13.28 -14.74
N LEU A 150 3.31 -12.06 -14.23
CA LEU A 150 4.51 -11.24 -14.46
C LEU A 150 5.36 -11.25 -13.21
N THR A 151 6.57 -10.73 -13.33
CA THR A 151 7.51 -10.74 -12.23
C THR A 151 7.88 -9.32 -11.84
N SER A 152 7.60 -9.01 -10.57
CA SER A 152 7.97 -7.74 -10.00
C SER A 152 9.17 -7.97 -9.09
N SER A 153 9.19 -7.28 -7.97
CA SER A 153 10.31 -7.36 -7.06
C SER A 153 9.83 -6.82 -5.72
N ASN A 154 10.42 -7.30 -4.63
CA ASN A 154 10.12 -6.70 -3.31
C ASN A 154 10.58 -5.24 -3.21
N THR A 155 11.48 -4.83 -4.11
CA THR A 155 12.06 -3.47 -4.11
C THR A 155 11.18 -2.45 -4.81
N SER A 156 10.10 -2.92 -5.42
CA SER A 156 9.10 -2.08 -6.05
C SER A 156 8.31 -1.25 -5.02
N LYS A 157 7.91 -1.90 -3.92
CA LYS A 157 7.19 -1.26 -2.82
C LYS A 157 7.75 -1.52 -1.43
N ASP A 158 8.13 -2.75 -1.15
CA ASP A 158 8.30 -3.20 0.25
C ASP A 158 9.67 -2.90 0.83
N PHE A 159 10.66 -2.76 -0.05
CA PHE A 159 12.06 -2.70 0.36
C PHE A 159 12.72 -1.56 -0.41
N SER A 160 13.40 -0.68 0.32
CA SER A 160 13.98 0.52 -0.26
C SER A 160 15.48 0.45 -0.18
N VAL A 161 16.14 0.34 -1.33
CA VAL A 161 17.59 0.18 -1.40
C VAL A 161 18.23 1.39 -2.12
N PRO A 162 19.19 2.04 -1.48
CA PRO A 162 19.89 3.13 -2.18
C PRO A 162 20.40 2.71 -3.55
N LYS A 163 20.44 3.65 -4.48
CA LYS A 163 21.02 3.44 -5.82
C LYS A 163 20.30 2.39 -6.65
N HIS A 164 19.01 2.21 -6.34
CA HIS A 164 18.21 1.16 -6.95
C HIS A 164 16.94 1.72 -7.56
N SER A 165 16.96 3.00 -7.89
CA SER A 165 15.74 3.68 -8.34
C SER A 165 15.23 3.13 -9.66
N LEU A 166 16.14 2.93 -10.61
CA LEU A 166 15.76 2.50 -11.94
C LEU A 166 15.06 1.15 -11.90
N TYR A 167 15.69 0.19 -11.24
CA TYR A 167 15.12 -1.15 -11.19
C TYR A 167 13.80 -1.16 -10.43
N SER A 168 13.79 -0.53 -9.26
CA SER A 168 12.59 -0.46 -8.43
C SER A 168 11.39 0.11 -9.22
N GLY A 169 11.64 1.16 -9.99
CA GLY A 169 10.63 1.74 -10.87
C GLY A 169 10.18 0.79 -11.97
N SER A 170 11.12 0.06 -12.54
CA SER A 170 10.82 -0.84 -13.66
C SER A 170 9.82 -1.87 -13.21
N LYS A 171 9.88 -2.24 -11.93
CA LYS A 171 8.99 -3.24 -11.38
C LYS A 171 7.75 -2.63 -10.76
N GLY A 172 7.82 -1.36 -10.37
CA GLY A 172 6.66 -0.63 -9.89
C GLY A 172 5.62 -0.53 -11.00
N ALA A 173 6.06 -0.27 -12.23
CA ALA A 173 5.15 -0.26 -13.36
C ALA A 173 4.45 -1.61 -13.53
N VAL A 174 5.17 -2.69 -13.30
CA VAL A 174 4.58 -4.03 -13.43
C VAL A 174 3.46 -4.26 -12.41
N ASP A 175 3.65 -3.79 -11.17
CA ASP A 175 2.62 -3.89 -10.12
C ASP A 175 1.33 -3.25 -10.60
N SER A 176 1.43 -2.03 -11.11
CA SER A 176 0.25 -1.34 -11.64
C SER A 176 -0.33 -2.07 -12.83
N PHE A 177 0.51 -2.49 -13.77
CA PHE A 177 0.07 -3.21 -14.95
C PHE A 177 -0.87 -4.34 -14.58
N VAL A 178 -0.44 -5.20 -13.66
CA VAL A 178 -1.14 -6.44 -13.47
C VAL A 178 -2.51 -6.20 -12.88
N ARG A 179 -2.64 -5.21 -12.00
CA ARG A 179 -3.95 -4.84 -11.45
C ARG A 179 -4.97 -4.42 -12.54
N ILE A 180 -4.52 -3.68 -13.55
CA ILE A 180 -5.40 -3.23 -14.61
C ILE A 180 -5.52 -4.29 -15.71
N PHE A 181 -4.44 -5.06 -15.91
CA PHE A 181 -4.49 -6.15 -16.88
C PHE A 181 -5.61 -7.10 -16.51
N SER A 182 -5.81 -7.30 -15.21
CA SER A 182 -6.82 -8.23 -14.76
C SER A 182 -8.19 -7.78 -15.26
N LYS A 183 -8.42 -6.47 -15.40
CA LYS A 183 -9.74 -5.99 -15.83
C LYS A 183 -9.95 -6.32 -17.29
N ASP A 184 -8.97 -6.00 -18.11
CA ASP A 184 -9.02 -6.24 -19.54
C ASP A 184 -9.04 -7.75 -19.86
N CYS A 185 -8.20 -8.52 -19.16
CA CYS A 185 -8.06 -9.95 -19.42
C CYS A 185 -9.25 -10.81 -18.93
N GLY A 186 -10.08 -10.20 -18.08
CA GLY A 186 -11.29 -10.83 -17.60
C GLY A 186 -12.24 -11.18 -18.72
N ASP A 187 -12.20 -10.48 -19.85
CA ASP A 187 -13.15 -10.79 -20.92
C ASP A 187 -12.84 -12.14 -21.60
N LYS A 188 -11.65 -12.70 -21.34
CA LYS A 188 -11.33 -14.07 -21.70
C LYS A 188 -11.13 -14.94 -20.45
N LYS A 189 -11.59 -14.43 -19.31
CA LYS A 189 -11.46 -15.12 -18.02
C LYS A 189 -10.04 -15.55 -17.72
N ILE A 190 -9.10 -14.70 -18.07
CA ILE A 190 -7.68 -14.93 -17.79
C ILE A 190 -7.35 -14.12 -16.56
N THR A 191 -6.74 -14.74 -15.55
CA THR A 191 -6.33 -14.01 -14.36
C THR A 191 -4.92 -13.52 -14.63
N VAL A 192 -4.58 -12.39 -14.02
CA VAL A 192 -3.27 -11.81 -14.17
C VAL A 192 -2.74 -11.39 -12.81
N ASN A 193 -1.55 -11.91 -12.47
CA ASN A 193 -0.88 -11.55 -11.23
C ASN A 193 0.60 -11.31 -11.45
N ALA A 194 1.28 -10.88 -10.38
CA ALA A 194 2.74 -10.81 -10.41
C ALA A 194 3.28 -11.41 -9.12
N VAL A 195 4.46 -12.02 -9.22
CA VAL A 195 5.21 -12.42 -8.05
C VAL A 195 6.31 -11.38 -7.90
N ALA A 196 6.56 -10.97 -6.65
CA ALA A 196 7.60 -9.99 -6.31
C ALA A 196 8.61 -10.66 -5.40
N PRO A 197 9.60 -11.36 -5.96
CA PRO A 197 10.54 -12.04 -5.08
C PRO A 197 11.43 -11.05 -4.36
N GLY A 198 11.89 -11.43 -3.18
CA GLY A 198 13.02 -10.78 -2.55
C GLY A 198 14.29 -11.49 -3.00
N GLY A 199 15.35 -11.33 -2.21
CA GLY A 199 16.62 -11.99 -2.46
C GLY A 199 16.44 -13.47 -2.70
N THR A 200 16.57 -13.88 -3.95
CA THR A 200 16.48 -15.28 -4.32
C THR A 200 17.82 -15.70 -4.93
N VAL A 201 18.40 -16.80 -4.45
CA VAL A 201 19.75 -17.22 -4.87
C VAL A 201 19.80 -17.70 -6.29
N THR A 202 20.36 -16.86 -7.15
CA THR A 202 20.56 -17.09 -8.58
C THR A 202 21.78 -16.27 -9.03
N ASP A 203 22.07 -16.25 -10.33
CA ASP A 203 23.11 -15.35 -10.88
C ASP A 203 22.85 -13.87 -10.57
N MET A 204 21.59 -13.44 -10.68
CA MET A 204 21.24 -12.06 -10.32
C MET A 204 21.52 -11.74 -8.84
N PHE A 205 21.37 -12.75 -7.97
CA PHE A 205 21.60 -12.56 -6.54
C PHE A 205 23.02 -12.09 -6.27
N HIS A 206 23.98 -12.75 -6.91
CA HIS A 206 25.36 -12.36 -6.76
C HIS A 206 25.60 -10.97 -7.29
N GLU A 207 24.93 -10.64 -8.38
CA GLU A 207 25.01 -9.29 -8.97
C GLU A 207 24.62 -8.19 -7.95
N VAL A 208 23.62 -8.47 -7.11
CA VAL A 208 23.02 -7.45 -6.26
C VAL A 208 23.23 -7.62 -4.75
N SER A 209 23.81 -8.73 -4.28
CA SER A 209 23.78 -9.02 -2.86
C SER A 209 24.51 -7.97 -2.04
N HIS A 210 25.64 -7.47 -2.52
CA HIS A 210 26.37 -6.43 -1.78
C HIS A 210 25.66 -5.10 -1.74
N HIS A 211 24.68 -4.90 -2.61
CA HIS A 211 23.88 -3.68 -2.55
C HIS A 211 22.73 -3.82 -1.57
N TYR A 212 22.16 -5.02 -1.46
CA TYR A 212 20.97 -5.27 -0.60
C TYR A 212 21.29 -5.38 0.89
N ILE A 213 22.58 -5.45 1.23
CA ILE A 213 22.99 -5.73 2.58
C ILE A 213 23.68 -4.45 3.00
N PRO A 214 23.49 -4.05 4.25
CA PRO A 214 24.07 -2.83 4.81
C PRO A 214 25.49 -2.40 4.38
N ASN A 215 26.52 -3.18 4.68
CA ASN A 215 27.93 -2.78 4.35
C ASN A 215 28.57 -3.82 3.49
N GLY A 216 27.80 -4.15 2.47
CA GLY A 216 27.99 -5.36 1.72
C GLY A 216 29.34 -5.59 1.05
N THR A 217 29.97 -4.51 0.60
CA THR A 217 31.26 -4.62 -0.07
C THR A 217 32.32 -5.26 0.82
N SER A 218 32.18 -5.11 2.14
CA SER A 218 33.19 -5.61 3.08
C SER A 218 32.82 -6.95 3.71
N TYR A 219 31.96 -7.72 3.04
CA TYR A 219 31.73 -9.11 3.40
C TYR A 219 32.01 -10.02 2.22
N THR A 220 32.32 -11.28 2.49
CA THR A 220 32.46 -12.28 1.42
C THR A 220 31.10 -12.63 0.80
N ALA A 221 31.10 -13.25 -0.37
CA ALA A 221 29.85 -13.65 -1.03
C ALA A 221 29.07 -14.66 -0.16
N GLU A 222 29.80 -15.65 0.38
CA GLU A 222 29.23 -16.62 1.34
C GLU A 222 28.57 -15.92 2.54
N GLN A 223 29.29 -14.99 3.17
CA GLN A 223 28.74 -14.19 4.29
C GLN A 223 27.49 -13.38 3.88
N ARG A 224 27.51 -12.81 2.69
CA ARG A 224 26.37 -12.02 2.23
C ARG A 224 25.14 -12.87 2.13
N GLN A 225 25.32 -14.08 1.60
CA GLN A 225 24.23 -15.02 1.42
C GLN A 225 23.63 -15.39 2.77
N GLN A 226 24.50 -15.66 3.74
CA GLN A 226 24.05 -15.96 5.11
C GLN A 226 23.31 -14.76 5.69
N MET A 227 23.84 -13.56 5.49
CA MET A 227 23.17 -12.35 5.97
C MET A 227 21.80 -12.13 5.34
N ALA A 228 21.70 -12.39 4.04
CA ALA A 228 20.44 -12.31 3.34
C ALA A 228 19.47 -13.37 3.84
N ALA A 229 20.00 -14.50 4.29
CA ALA A 229 19.19 -15.55 4.88
C ALA A 229 18.54 -15.04 6.14
N HIS A 230 19.29 -14.27 6.94
CA HIS A 230 18.77 -13.78 8.22
C HIS A 230 17.82 -12.62 8.07
N ALA A 231 17.63 -12.11 6.86
CA ALA A 231 16.64 -11.06 6.62
C ALA A 231 15.22 -11.63 6.74
N SER A 232 15.04 -12.91 6.39
CA SER A 232 13.79 -13.59 6.69
C SER A 232 13.79 -14.07 8.12
N PRO A 233 12.65 -13.94 8.81
CA PRO A 233 12.53 -14.56 10.11
C PRO A 233 12.52 -16.08 10.07
N LEU A 234 12.51 -16.69 8.89
CA LEU A 234 12.69 -18.14 8.79
C LEU A 234 14.17 -18.54 8.72
N HIS A 235 15.06 -17.53 8.73
CA HIS A 235 16.51 -17.71 8.66
C HIS A 235 16.95 -18.65 7.57
N ARG A 236 16.50 -18.41 6.36
CA ARG A 236 17.04 -19.09 5.20
C ARG A 236 16.88 -18.17 4.01
N ASN A 237 17.61 -18.46 2.94
CA ASN A 237 17.49 -17.70 1.70
C ASN A 237 16.26 -18.10 0.95
N GLY A 238 15.77 -17.21 0.11
CA GLY A 238 14.80 -17.59 -0.91
C GLY A 238 15.49 -18.34 -2.04
N TRP A 239 14.80 -19.32 -2.61
CA TRP A 239 15.32 -20.09 -3.72
C TRP A 239 14.40 -20.04 -4.89
N PRO A 240 14.91 -20.36 -6.07
CA PRO A 240 14.01 -20.40 -7.22
C PRO A 240 12.76 -21.28 -7.01
N GLN A 241 12.91 -22.44 -6.35
CA GLN A 241 11.76 -23.32 -6.12
C GLN A 241 10.65 -22.61 -5.36
N ASP A 242 11.00 -21.66 -4.51
CA ASP A 242 10.01 -20.91 -3.72
C ASP A 242 9.10 -20.08 -4.59
N VAL A 243 9.68 -19.36 -5.54
CA VAL A 243 8.91 -18.62 -6.52
C VAL A 243 8.15 -19.58 -7.42
N ALA A 244 8.80 -20.65 -7.85
CA ALA A 244 8.11 -21.69 -8.62
C ALA A 244 6.85 -22.21 -7.93
N ASN A 245 6.98 -22.52 -6.64
CA ASN A 245 5.89 -23.06 -5.88
C ASN A 245 4.67 -22.14 -5.97
N VAL A 246 4.91 -20.83 -5.85
CA VAL A 246 3.84 -19.85 -5.83
C VAL A 246 3.25 -19.63 -7.22
N VAL A 247 4.10 -19.50 -8.24
CA VAL A 247 3.60 -19.37 -9.61
C VAL A 247 2.69 -20.56 -9.92
N GLY A 248 3.13 -21.76 -9.56
CA GLY A 248 2.40 -22.99 -9.79
C GLY A 248 1.00 -23.00 -9.19
N PHE A 249 0.86 -22.44 -7.98
CA PHE A 249 -0.46 -22.26 -7.36
C PHE A 249 -1.28 -21.20 -8.10
N LEU A 250 -0.68 -20.06 -8.41
CA LEU A 250 -1.37 -18.98 -9.12
C LEU A 250 -1.93 -19.43 -10.48
N VAL A 251 -1.16 -20.23 -11.19
CA VAL A 251 -1.57 -20.70 -12.54
C VAL A 251 -2.51 -21.90 -12.51
N SER A 252 -2.80 -22.42 -11.33
CA SER A 252 -3.69 -23.58 -11.20
C SER A 252 -5.14 -23.17 -11.10
N LYS A 253 -6.05 -24.12 -11.24
CA LYS A 253 -7.46 -23.88 -11.05
C LYS A 253 -7.71 -23.17 -9.72
N GLU A 254 -7.04 -23.66 -8.69
CA GLU A 254 -7.30 -23.22 -7.33
C GLU A 254 -6.86 -21.79 -7.05
N GLY A 255 -5.94 -21.25 -7.85
CA GLY A 255 -5.48 -19.86 -7.67
C GLY A 255 -6.36 -18.80 -8.31
N GLU A 256 -7.49 -19.19 -8.89
CA GLU A 256 -8.26 -18.27 -9.73
C GLU A 256 -8.66 -16.99 -8.99
N TRP A 257 -8.99 -17.13 -7.72
CA TRP A 257 -9.51 -15.98 -6.97
C TRP A 257 -8.45 -15.02 -6.53
N VAL A 258 -7.17 -15.40 -6.69
CA VAL A 258 -6.08 -14.45 -6.64
C VAL A 258 -5.94 -13.91 -8.08
N ASN A 259 -6.28 -12.63 -8.25
CA ASN A 259 -6.35 -12.01 -9.57
C ASN A 259 -6.06 -10.53 -9.45
N GLY A 260 -5.24 -10.00 -10.34
CA GLY A 260 -4.83 -8.59 -10.26
C GLY A 260 -3.98 -8.23 -9.05
N LYS A 261 -3.33 -9.22 -8.45
CA LYS A 261 -2.53 -9.01 -7.23
C LYS A 261 -1.03 -9.20 -7.46
N VAL A 262 -0.24 -8.55 -6.61
CA VAL A 262 1.21 -8.72 -6.60
C VAL A 262 1.59 -9.41 -5.29
N LEU A 263 2.11 -10.63 -5.36
CA LEU A 263 2.49 -11.35 -4.16
C LEU A 263 3.98 -11.22 -3.92
N THR A 264 4.35 -10.65 -2.77
CA THR A 264 5.74 -10.47 -2.39
C THR A 264 6.21 -11.76 -1.76
N LEU A 265 7.29 -12.32 -2.30
CA LEU A 265 7.80 -13.62 -1.87
C LEU A 265 9.22 -13.45 -1.30
N ASP A 266 9.28 -13.09 -0.02
CA ASP A 266 10.53 -12.78 0.66
C ASP A 266 10.64 -13.50 1.99
N GLY A 267 9.85 -14.54 2.17
CA GLY A 267 9.82 -15.29 3.40
C GLY A 267 9.56 -14.48 4.63
N GLY A 268 8.85 -13.35 4.49
CA GLY A 268 8.48 -12.51 5.65
C GLY A 268 9.49 -11.43 6.01
N ALA A 269 10.41 -11.14 5.10
CA ALA A 269 11.43 -10.12 5.34
C ALA A 269 10.76 -8.75 5.53
N ALA A 270 9.77 -8.42 4.70
CA ALA A 270 9.07 -7.11 4.76
C ALA A 270 8.38 -6.81 6.13
N TYR B 11 11.08 36.71 7.09
CA TYR B 11 10.79 35.34 6.57
C TYR B 11 9.48 34.76 7.16
N ILE B 12 8.54 34.39 6.29
CA ILE B 12 7.21 33.93 6.73
C ILE B 12 7.09 32.41 6.59
N PRO B 13 6.48 31.74 7.59
CA PRO B 13 6.28 30.31 7.43
C PRO B 13 5.51 29.89 6.13
N GLY B 14 6.13 29.03 5.33
CA GLY B 14 5.53 28.46 4.10
C GLY B 14 5.80 29.21 2.80
N ARG B 15 6.48 30.33 2.93
CA ARG B 15 6.84 31.14 1.76
C ARG B 15 8.17 30.68 1.15
N LEU B 16 8.41 31.12 -0.08
CA LEU B 16 9.54 30.67 -0.86
C LEU B 16 10.39 31.86 -1.32
N ASP B 17 10.37 32.94 -0.57
CA ASP B 17 11.10 34.14 -0.97
C ASP B 17 12.59 33.83 -1.12
N GLY B 18 13.17 34.26 -2.23
CA GLY B 18 14.60 34.01 -2.53
C GLY B 18 14.85 32.71 -3.27
N LYS B 19 13.81 31.88 -3.38
CA LYS B 19 13.96 30.58 -4.01
C LYS B 19 13.62 30.66 -5.49
N VAL B 20 14.15 29.71 -6.24
CA VAL B 20 13.90 29.60 -7.67
C VAL B 20 13.34 28.22 -7.92
N ALA B 21 12.18 28.16 -8.57
CA ALA B 21 11.50 26.91 -8.86
C ALA B 21 11.36 26.71 -10.38
N LEU B 22 11.27 25.45 -10.80
CA LEU B 22 11.05 25.09 -12.18
C LEU B 22 9.89 24.10 -12.22
N VAL B 23 8.97 24.30 -13.16
CA VAL B 23 7.80 23.42 -13.28
C VAL B 23 7.65 23.02 -14.75
N THR B 24 7.73 21.72 -15.00
CA THR B 24 7.61 21.21 -16.36
C THR B 24 6.15 21.27 -16.75
N GLY B 25 5.90 21.59 -18.02
CA GLY B 25 4.53 21.70 -18.55
C GLY B 25 3.62 22.64 -17.78
N SER B 26 4.12 23.82 -17.47
CA SER B 26 3.36 24.77 -16.65
C SER B 26 2.72 25.89 -17.46
N GLY B 27 2.57 25.66 -18.76
CA GLY B 27 1.82 26.57 -19.60
C GLY B 27 0.34 26.44 -19.38
N ARG B 28 -0.10 25.28 -18.93
CA ARG B 28 -1.52 25.06 -18.70
C ARG B 28 -1.79 23.92 -17.72
N GLY B 29 -3.06 23.74 -17.39
CA GLY B 29 -3.47 22.64 -16.55
C GLY B 29 -2.87 22.80 -15.16
N ILE B 30 -2.59 21.68 -14.52
CA ILE B 30 -2.13 21.67 -13.15
C ILE B 30 -0.82 22.45 -13.02
N GLY B 31 0.10 22.17 -13.93
CA GLY B 31 1.39 22.84 -13.95
C GLY B 31 1.28 24.35 -13.91
N ALA B 32 0.35 24.92 -14.66
CA ALA B 32 0.16 26.37 -14.66
C ALA B 32 -0.25 26.87 -13.29
N ALA B 33 -1.16 26.16 -12.65
CA ALA B 33 -1.60 26.55 -11.31
C ALA B 33 -0.45 26.41 -10.32
N VAL B 34 0.36 25.37 -10.47
CA VAL B 34 1.51 25.20 -9.59
C VAL B 34 2.47 26.38 -9.75
N ALA B 35 2.80 26.69 -11.00
CA ALA B 35 3.77 27.73 -11.30
C ALA B 35 3.36 29.10 -10.72
N VAL B 36 2.13 29.49 -10.98
CA VAL B 36 1.59 30.74 -10.42
C VAL B 36 1.64 30.71 -8.89
N HIS B 37 1.23 29.61 -8.28
CA HIS B 37 1.22 29.50 -6.82
C HIS B 37 2.60 29.55 -6.20
N LEU B 38 3.60 28.90 -6.81
CA LEU B 38 4.96 29.02 -6.32
C LEU B 38 5.44 30.48 -6.40
N GLY B 39 5.04 31.18 -7.45
CA GLY B 39 5.27 32.60 -7.57
C GLY B 39 4.58 33.39 -6.48
N ARG B 40 3.32 33.10 -6.24
CA ARG B 40 2.56 33.76 -5.17
C ARG B 40 3.28 33.56 -3.83
N LEU B 41 3.88 32.38 -3.62
CA LEU B 41 4.62 32.13 -2.36
C LEU B 41 5.97 32.84 -2.33
N GLY B 42 6.39 33.41 -3.45
CA GLY B 42 7.56 34.27 -3.49
C GLY B 42 8.69 33.75 -4.34
N ALA B 43 8.57 32.52 -4.86
CA ALA B 43 9.61 31.95 -5.69
C ALA B 43 9.64 32.65 -7.06
N LYS B 44 10.84 32.69 -7.64
CA LYS B 44 11.00 33.01 -9.03
C LYS B 44 10.78 31.70 -9.78
N VAL B 45 10.10 31.73 -10.92
CA VAL B 45 9.63 30.48 -11.55
C VAL B 45 10.06 30.36 -12.99
N VAL B 46 10.61 29.19 -13.33
CA VAL B 46 10.90 28.84 -14.71
C VAL B 46 9.69 28.05 -15.18
N VAL B 47 9.04 28.57 -16.21
CA VAL B 47 7.82 28.00 -16.74
C VAL B 47 8.15 27.22 -18.01
N ASN B 48 8.24 25.89 -17.89
CA ASN B 48 8.54 25.08 -19.05
C ASN B 48 7.30 24.72 -19.82
N TYR B 49 7.44 24.71 -21.15
CA TYR B 49 6.39 24.23 -22.04
C TYR B 49 7.01 23.52 -23.22
N ALA B 50 6.20 22.77 -23.96
CA ALA B 50 6.62 22.08 -25.16
C ALA B 50 5.93 22.67 -26.42
N ASN B 51 4.68 23.09 -26.29
CA ASN B 51 3.88 23.63 -27.40
C ASN B 51 3.11 24.91 -27.10
N SER B 52 2.64 25.05 -25.86
CA SER B 52 1.75 26.14 -25.47
C SER B 52 2.49 27.44 -25.19
N THR B 53 3.08 28.03 -26.21
CA THR B 53 3.89 29.24 -26.03
C THR B 53 3.07 30.37 -25.44
N LYS B 54 1.93 30.64 -26.05
CA LYS B 54 1.05 31.74 -25.66
C LYS B 54 0.63 31.57 -24.20
N ASP B 55 0.21 30.36 -23.84
CA ASP B 55 -0.21 30.09 -22.47
C ASP B 55 0.95 30.24 -21.50
N ALA B 56 2.13 29.75 -21.88
CA ALA B 56 3.32 29.89 -21.04
C ALA B 56 3.62 31.34 -20.72
N GLU B 57 3.47 32.20 -21.72
CA GLU B 57 3.71 33.62 -21.50
C GLU B 57 2.65 34.28 -20.62
N LYS B 58 1.41 33.82 -20.72
CA LYS B 58 0.37 34.30 -19.81
C LYS B 58 0.75 33.96 -18.38
N VAL B 59 1.21 32.73 -18.16
CA VAL B 59 1.62 32.32 -16.83
C VAL B 59 2.75 33.22 -16.31
N VAL B 60 3.77 33.42 -17.15
CA VAL B 60 4.88 34.29 -16.79
C VAL B 60 4.35 35.64 -16.35
N SER B 61 3.49 36.23 -17.17
CA SER B 61 2.88 37.54 -16.85
C SER B 61 2.16 37.57 -15.51
N GLU B 62 1.33 36.56 -15.25
CA GLU B 62 0.63 36.47 -13.98
C GLU B 62 1.61 36.49 -12.82
N ILE B 63 2.72 35.76 -12.97
CA ILE B 63 3.73 35.64 -11.91
C ILE B 63 4.41 37.01 -11.70
N LYS B 64 4.68 37.73 -12.79
CA LYS B 64 5.23 39.09 -12.68
C LYS B 64 4.25 40.06 -12.04
N ALA B 65 2.99 39.95 -12.46
CA ALA B 65 1.95 40.83 -11.95
C ALA B 65 1.75 40.64 -10.45
N LEU B 66 1.84 39.41 -9.94
CA LEU B 66 1.74 39.21 -8.50
C LEU B 66 3.06 39.56 -7.75
N GLY B 67 4.06 40.08 -8.45
CA GLY B 67 5.23 40.66 -7.77
C GLY B 67 6.48 39.78 -7.73
N SER B 68 6.46 38.67 -8.45
CA SER B 68 7.65 37.83 -8.54
C SER B 68 8.19 37.87 -9.96
N ASP B 69 9.14 37.00 -10.29
CA ASP B 69 9.74 36.99 -11.61
C ASP B 69 9.65 35.59 -12.21
N ALA B 70 9.64 35.53 -13.54
CA ALA B 70 9.51 34.25 -14.22
C ALA B 70 9.97 34.31 -15.67
N ILE B 71 10.32 33.15 -16.22
CA ILE B 71 10.81 33.05 -17.60
C ILE B 71 10.20 31.78 -18.19
N ALA B 72 9.78 31.88 -19.45
CA ALA B 72 9.22 30.75 -20.15
C ALA B 72 10.37 30.11 -20.90
N ILE B 73 10.52 28.79 -20.76
CA ILE B 73 11.53 28.06 -21.51
C ILE B 73 10.97 26.82 -22.19
N LYS B 74 11.09 26.77 -23.51
CA LYS B 74 10.62 25.64 -24.30
C LYS B 74 11.57 24.45 -24.17
N ALA B 75 11.03 23.27 -23.93
CA ALA B 75 11.83 22.04 -23.92
C ALA B 75 10.91 20.83 -23.96
N ASP B 76 11.20 19.91 -24.87
CA ASP B 76 10.45 18.68 -25.02
C ASP B 76 10.98 17.68 -24.00
N ILE B 77 10.23 17.46 -22.93
CA ILE B 77 10.73 16.62 -21.85
C ILE B 77 10.99 15.16 -22.25
N ARG B 78 10.57 14.77 -23.45
CA ARG B 78 10.90 13.42 -23.95
C ARG B 78 12.38 13.31 -24.35
N GLN B 79 12.97 14.44 -24.69
CA GLN B 79 14.35 14.49 -25.11
C GLN B 79 15.25 14.82 -23.93
N VAL B 80 15.97 13.82 -23.43
CA VAL B 80 16.88 14.00 -22.32
C VAL B 80 17.86 15.16 -22.58
N PRO B 81 18.43 15.28 -23.80
CA PRO B 81 19.31 16.44 -24.02
C PRO B 81 18.60 17.78 -23.83
N GLU B 82 17.31 17.86 -24.14
CA GLU B 82 16.56 19.09 -23.91
C GLU B 82 16.28 19.31 -22.43
N ILE B 83 16.21 18.23 -21.64
CA ILE B 83 16.01 18.37 -20.19
C ILE B 83 17.28 18.96 -19.57
N VAL B 84 18.44 18.48 -20.02
CA VAL B 84 19.73 19.01 -19.58
C VAL B 84 19.77 20.52 -19.88
N LYS B 85 19.53 20.89 -21.14
CA LYS B 85 19.50 22.29 -21.58
C LYS B 85 18.46 23.13 -20.78
N LEU B 86 17.27 22.58 -20.56
CA LEU B 86 16.24 23.28 -19.77
C LEU B 86 16.81 23.71 -18.42
N PHE B 87 17.52 22.79 -17.77
CA PHE B 87 18.04 23.05 -16.45
C PHE B 87 19.21 24.02 -16.49
N ASP B 88 20.09 23.87 -17.46
CA ASP B 88 21.19 24.81 -17.67
C ASP B 88 20.66 26.22 -17.91
N GLN B 89 19.62 26.36 -18.72
CA GLN B 89 19.01 27.68 -18.97
C GLN B 89 18.34 28.27 -17.75
N ALA B 90 17.76 27.41 -16.93
CA ALA B 90 17.18 27.82 -15.67
C ALA B 90 18.24 28.46 -14.80
N VAL B 91 19.32 27.73 -14.57
CA VAL B 91 20.37 28.19 -13.67
C VAL B 91 21.06 29.43 -14.27
N ALA B 92 21.23 29.46 -15.59
CA ALA B 92 21.85 30.59 -16.27
C ALA B 92 21.03 31.85 -16.11
N HIS B 93 19.70 31.71 -16.14
CA HIS B 93 18.84 32.89 -16.05
C HIS B 93 18.76 33.42 -14.65
N PHE B 94 18.51 32.54 -13.67
CA PHE B 94 18.24 32.96 -12.29
C PHE B 94 19.41 32.79 -11.32
N GLY B 95 20.47 32.10 -11.76
CA GLY B 95 21.70 31.95 -10.96
C GLY B 95 21.79 30.61 -10.23
N HIS B 96 20.66 30.09 -9.79
CA HIS B 96 20.59 28.83 -9.06
C HIS B 96 19.19 28.29 -9.15
N LEU B 97 18.98 27.10 -8.62
CA LEU B 97 17.68 26.42 -8.70
C LEU B 97 17.46 25.65 -7.44
N ASP B 98 16.31 25.86 -6.80
CA ASP B 98 16.02 25.21 -5.49
C ASP B 98 14.93 24.15 -5.59
N ILE B 99 13.97 24.33 -6.51
CA ILE B 99 12.75 23.55 -6.55
C ILE B 99 12.50 23.10 -8.00
N ALA B 100 12.19 21.83 -8.17
CA ALA B 100 11.83 21.27 -9.46
C ALA B 100 10.53 20.47 -9.30
N VAL B 101 9.49 20.89 -9.99
CA VAL B 101 8.23 20.18 -10.03
C VAL B 101 8.08 19.56 -11.41
N SER B 102 7.99 18.24 -11.43
CA SER B 102 7.87 17.47 -12.66
C SER B 102 6.43 17.17 -12.79
N ASN B 103 5.79 17.77 -13.79
CA ASN B 103 4.35 17.77 -13.96
C ASN B 103 3.92 17.24 -15.34
N SER B 104 4.73 17.46 -16.37
CA SER B 104 4.37 17.04 -17.71
C SER B 104 3.96 15.58 -17.76
N GLY B 105 2.89 15.33 -18.52
CA GLY B 105 2.37 14.00 -18.68
C GLY B 105 1.29 13.97 -19.75
N VAL B 106 1.04 12.78 -20.28
CA VAL B 106 -0.07 12.56 -21.20
C VAL B 106 -0.82 11.33 -20.71
N VAL B 107 -2.10 11.24 -21.08
CA VAL B 107 -2.94 10.13 -20.66
C VAL B 107 -3.21 9.24 -21.85
N SER B 108 -3.64 8.01 -21.60
CA SER B 108 -3.89 7.07 -22.68
C SER B 108 -4.92 6.07 -22.22
N PHE B 109 -5.65 5.54 -23.20
CA PHE B 109 -6.63 4.51 -22.93
C PHE B 109 -6.63 3.52 -24.03
N GLY B 110 -6.78 2.26 -23.66
CA GLY B 110 -6.86 1.19 -24.64
C GLY B 110 -6.78 -0.12 -23.92
N HIS B 111 -7.55 -1.08 -24.44
CA HIS B 111 -7.44 -2.45 -24.01
C HIS B 111 -6.05 -2.93 -24.31
N LEU B 112 -5.48 -3.63 -23.33
CA LEU B 112 -4.17 -4.28 -23.47
C LEU B 112 -3.95 -4.82 -24.88
N LYS B 113 -4.93 -5.57 -25.39
CA LYS B 113 -4.77 -6.26 -26.68
C LYS B 113 -4.46 -5.37 -27.86
N ASP B 114 -4.85 -4.10 -27.78
CA ASP B 114 -4.69 -3.15 -28.87
C ASP B 114 -3.58 -2.14 -28.66
N VAL B 115 -2.93 -2.16 -27.51
CA VAL B 115 -1.89 -1.18 -27.24
C VAL B 115 -0.65 -1.52 -28.07
N THR B 116 -0.14 -0.50 -28.76
CA THR B 116 0.97 -0.66 -29.69
C THR B 116 2.29 -0.24 -29.04
N GLU B 117 3.39 -0.62 -29.68
CA GLU B 117 4.73 -0.16 -29.32
C GLU B 117 4.82 1.37 -29.25
N GLU B 118 4.28 2.03 -30.27
CA GLU B 118 4.34 3.49 -30.38
C GLU B 118 3.59 4.16 -29.26
N GLU B 119 2.43 3.61 -28.90
CA GLU B 119 1.61 4.19 -27.84
C GLU B 119 2.28 3.96 -26.48
N PHE B 120 2.81 2.77 -26.23
CA PHE B 120 3.65 2.54 -25.05
C PHE B 120 4.75 3.60 -25.00
N ASP B 121 5.50 3.73 -26.09
CA ASP B 121 6.62 4.66 -26.10
C ASP B 121 6.18 6.11 -25.92
N ARG B 122 5.09 6.50 -26.57
CA ARG B 122 4.56 7.86 -26.45
C ARG B 122 4.31 8.21 -24.99
N VAL B 123 3.70 7.29 -24.26
CA VAL B 123 3.28 7.54 -22.89
C VAL B 123 4.47 7.46 -21.92
N PHE B 124 5.21 6.36 -21.97
CA PHE B 124 6.34 6.15 -21.07
C PHE B 124 7.49 7.13 -21.30
N SER B 125 7.76 7.50 -22.53
CA SER B 125 8.85 8.43 -22.78
C SER B 125 8.72 9.76 -22.00
N LEU B 126 7.49 10.21 -21.80
CA LEU B 126 7.26 11.45 -21.06
C LEU B 126 6.95 11.18 -19.58
N ASN B 127 5.98 10.30 -19.35
CA ASN B 127 5.45 10.11 -17.99
C ASN B 127 6.45 9.49 -17.02
N THR B 128 7.34 8.65 -17.53
CA THR B 128 8.20 7.83 -16.68
C THR B 128 9.66 8.16 -16.97
N ARG B 129 10.07 7.94 -18.20
CA ARG B 129 11.43 8.23 -18.62
C ARG B 129 11.75 9.71 -18.44
N GLY B 130 10.91 10.56 -18.99
CA GLY B 130 11.11 11.99 -18.90
C GLY B 130 11.16 12.44 -17.45
N GLN B 131 10.21 11.99 -16.63
CA GLN B 131 10.20 12.38 -15.22
C GLN B 131 11.49 11.91 -14.51
N PHE B 132 11.96 10.71 -14.86
CA PHE B 132 13.17 10.18 -14.30
C PHE B 132 14.32 11.13 -14.54
N PHE B 133 14.47 11.59 -15.77
CA PHE B 133 15.63 12.40 -16.10
C PHE B 133 15.44 13.86 -15.73
N VAL B 134 14.20 14.30 -15.56
CA VAL B 134 13.96 15.59 -14.93
C VAL B 134 14.53 15.51 -13.50
N ALA B 135 14.20 14.42 -12.81
CA ALA B 135 14.73 14.18 -11.47
C ALA B 135 16.25 14.22 -11.46
N ARG B 136 16.87 13.52 -12.43
CA ARG B 136 18.32 13.42 -12.50
C ARG B 136 18.94 14.80 -12.68
N GLU B 137 18.45 15.54 -13.64
CA GLU B 137 18.95 16.91 -13.86
C GLU B 137 18.62 17.83 -12.68
N ALA B 138 17.46 17.64 -12.06
CA ALA B 138 17.12 18.35 -10.84
C ALA B 138 18.19 18.12 -9.75
N TYR B 139 18.50 16.87 -9.46
CA TYR B 139 19.55 16.56 -8.47
C TYR B 139 20.86 17.24 -8.81
N ARG B 140 21.28 17.15 -10.06
CA ARG B 140 22.58 17.70 -10.46
C ARG B 140 22.65 19.22 -10.32
N HIS B 141 21.55 19.93 -10.62
CA HIS B 141 21.55 21.38 -10.65
C HIS B 141 21.09 22.04 -9.39
N LEU B 142 20.33 21.32 -8.56
CA LEU B 142 19.70 21.93 -7.39
C LEU B 142 20.73 22.32 -6.34
N THR B 143 20.44 23.41 -5.67
CA THR B 143 21.17 23.79 -4.49
C THR B 143 20.80 22.86 -3.36
N GLU B 144 21.71 22.71 -2.41
CA GLU B 144 21.50 21.90 -1.26
C GLU B 144 20.27 22.38 -0.50
N GLY B 145 19.48 21.43 0.01
CA GLY B 145 18.29 21.75 0.76
C GLY B 145 17.06 21.93 -0.11
N GLY B 146 17.20 21.61 -1.39
CA GLY B 146 16.16 21.80 -2.37
C GLY B 146 15.05 20.74 -2.36
N ARG B 147 14.23 20.76 -3.40
CA ARG B 147 12.98 20.03 -3.41
C ARG B 147 12.71 19.54 -4.80
N ILE B 148 12.34 18.24 -4.89
CA ILE B 148 11.88 17.65 -6.13
C ILE B 148 10.52 17.02 -5.92
N VAL B 149 9.59 17.30 -6.82
CA VAL B 149 8.26 16.71 -6.75
C VAL B 149 7.88 16.22 -8.14
N LEU B 150 7.53 14.93 -8.23
CA LEU B 150 7.08 14.33 -9.47
C LEU B 150 5.57 14.16 -9.38
N THR B 151 4.96 13.80 -10.51
CA THR B 151 3.54 13.66 -10.57
C THR B 151 3.18 12.24 -10.93
N SER B 152 2.45 11.60 -10.04
CA SER B 152 1.89 10.29 -10.29
C SER B 152 0.40 10.46 -10.61
N SER B 153 -0.43 9.56 -10.10
CA SER B 153 -1.85 9.55 -10.41
C SER B 153 -2.52 8.67 -9.38
N ASN B 154 -3.78 8.94 -9.08
CA ASN B 154 -4.54 8.06 -8.21
C ASN B 154 -4.74 6.65 -8.85
N THR B 155 -4.58 6.56 -10.18
CA THR B 155 -4.80 5.31 -10.91
C THR B 155 -3.59 4.38 -10.88
N SER B 156 -2.49 4.87 -10.31
CA SER B 156 -1.29 4.09 -10.12
C SER B 156 -1.50 2.96 -9.11
N LYS B 157 -2.18 3.28 -8.01
CA LYS B 157 -2.45 2.32 -6.93
C LYS B 157 -3.91 2.30 -6.48
N ASP B 158 -4.51 3.47 -6.32
CA ASP B 158 -5.73 3.60 -5.52
C ASP B 158 -7.02 3.36 -6.29
N PHE B 159 -6.96 3.53 -7.60
CA PHE B 159 -8.14 3.56 -8.43
C PHE B 159 -7.85 2.69 -9.67
N SER B 160 -8.76 1.77 -9.96
CA SER B 160 -8.53 0.77 -10.98
C SER B 160 -9.53 0.92 -12.09
N VAL B 161 -9.06 1.33 -13.27
CA VAL B 161 -9.93 1.62 -14.39
C VAL B 161 -9.65 0.70 -15.57
N PRO B 162 -10.68 0.02 -16.09
CA PRO B 162 -10.46 -0.76 -17.32
C PRO B 162 -9.79 0.02 -18.45
N LYS B 163 -8.97 -0.66 -19.25
CA LYS B 163 -8.31 -0.07 -20.44
C LYS B 163 -7.37 1.06 -20.11
N HIS B 164 -6.83 1.04 -18.89
CA HIS B 164 -5.97 2.10 -18.37
C HIS B 164 -4.64 1.54 -17.89
N SER B 165 -4.23 0.38 -18.41
CA SER B 165 -3.03 -0.29 -17.89
C SER B 165 -1.74 0.47 -18.18
N LEU B 166 -1.61 0.99 -19.39
CA LEU B 166 -0.43 1.70 -19.79
C LEU B 166 -0.17 2.92 -18.91
N TYR B 167 -1.17 3.76 -18.77
CA TYR B 167 -1.01 4.99 -18.02
C TYR B 167 -0.75 4.67 -16.56
N SER B 168 -1.58 3.79 -16.00
CA SER B 168 -1.45 3.41 -14.61
C SER B 168 -0.02 2.93 -14.27
N GLY B 169 0.54 2.10 -15.14
CA GLY B 169 1.90 1.63 -15.02
C GLY B 169 2.92 2.74 -15.14
N SER B 170 2.70 3.66 -16.06
CA SER B 170 3.63 4.78 -16.27
C SER B 170 3.79 5.58 -14.98
N LYS B 171 2.73 5.67 -14.20
CA LYS B 171 2.77 6.39 -12.94
C LYS B 171 3.12 5.51 -11.75
N GLY B 172 2.91 4.20 -11.87
CA GLY B 172 3.36 3.27 -10.85
C GLY B 172 4.88 3.27 -10.73
N ALA B 173 5.58 3.37 -11.85
CA ALA B 173 7.04 3.52 -11.81
C ALA B 173 7.46 4.77 -11.08
N VAL B 174 6.71 5.86 -11.27
CA VAL B 174 7.03 7.12 -10.59
C VAL B 174 6.92 7.00 -9.07
N ASP B 175 5.91 6.27 -8.59
CA ASP B 175 5.74 6.00 -7.15
C ASP B 175 6.97 5.37 -6.58
N SER B 176 7.46 4.32 -7.23
CA SER B 176 8.66 3.65 -6.81
C SER B 176 9.87 4.58 -6.90
N PHE B 177 10.02 5.28 -8.02
CA PHE B 177 11.14 6.21 -8.20
C PHE B 177 11.33 7.12 -7.01
N VAL B 178 10.27 7.80 -6.59
CA VAL B 178 10.42 8.89 -5.67
C VAL B 178 10.87 8.36 -4.33
N ARG B 179 10.37 7.18 -3.93
CA ARG B 179 10.80 6.58 -2.67
C ARG B 179 12.31 6.32 -2.64
N ILE B 180 12.88 5.87 -3.77
CA ILE B 180 14.32 5.59 -3.81
C ILE B 180 15.11 6.85 -4.14
N PHE B 181 14.53 7.75 -4.93
CA PHE B 181 15.19 9.01 -5.21
C PHE B 181 15.50 9.71 -3.90
N SER B 182 14.60 9.59 -2.93
CA SER B 182 14.81 10.26 -1.66
C SER B 182 16.10 9.79 -1.00
N LYS B 183 16.47 8.53 -1.19
CA LYS B 183 17.68 7.99 -0.56
C LYS B 183 18.95 8.58 -1.17
N ASP B 184 19.00 8.56 -2.50
CA ASP B 184 20.09 9.17 -3.26
C ASP B 184 20.19 10.69 -3.06
N CYS B 185 19.05 11.38 -3.11
CA CYS B 185 19.01 12.86 -3.07
C CYS B 185 19.30 13.44 -1.69
N GLY B 186 19.23 12.57 -0.68
CA GLY B 186 19.55 12.93 0.68
C GLY B 186 20.97 13.42 0.85
N ASP B 187 21.90 12.99 -0.01
CA ASP B 187 23.28 13.45 0.16
C ASP B 187 23.46 14.95 -0.20
N LYS B 188 22.45 15.56 -0.83
CA LYS B 188 22.39 17.01 -1.03
C LYS B 188 21.23 17.59 -0.24
N LYS B 189 20.69 16.81 0.67
CA LYS B 189 19.55 17.21 1.51
C LYS B 189 18.39 17.69 0.69
N ILE B 190 18.13 17.03 -0.43
CA ILE B 190 17.01 17.34 -1.30
C ILE B 190 15.93 16.30 -0.99
N THR B 191 14.69 16.75 -0.72
CA THR B 191 13.60 15.83 -0.46
C THR B 191 12.94 15.57 -1.80
N VAL B 192 12.36 14.39 -1.93
CA VAL B 192 11.74 13.99 -3.17
C VAL B 192 10.39 13.33 -2.87
N ASN B 193 9.34 13.88 -3.46
CA ASN B 193 7.98 13.34 -3.31
C ASN B 193 7.23 13.31 -4.64
N ALA B 194 6.04 12.72 -4.63
CA ALA B 194 5.15 12.84 -5.78
C ALA B 194 3.75 13.19 -5.29
N VAL B 195 3.01 13.88 -6.14
CA VAL B 195 1.61 14.11 -5.91
C VAL B 195 0.88 13.22 -6.91
N ALA B 196 -0.18 12.56 -6.45
CA ALA B 196 -0.95 11.63 -7.28
C ALA B 196 -2.39 12.16 -7.34
N PRO B 197 -2.65 13.10 -8.26
CA PRO B 197 -4.00 13.64 -8.33
C PRO B 197 -5.01 12.62 -8.82
N GLY B 198 -6.25 12.79 -8.39
CA GLY B 198 -7.38 12.16 -9.03
C GLY B 198 -7.93 13.11 -10.07
N GLY B 199 -9.20 12.90 -10.43
CA GLY B 199 -9.86 13.72 -11.40
C GLY B 199 -9.71 15.17 -11.03
N THR B 200 -8.92 15.90 -11.82
CA THR B 200 -8.71 17.32 -11.64
C THR B 200 -9.11 18.00 -12.95
N VAL B 201 -9.97 19.01 -12.84
CA VAL B 201 -10.57 19.61 -14.04
C VAL B 201 -9.55 20.44 -14.80
N THR B 202 -9.11 19.88 -15.93
CA THR B 202 -8.16 20.49 -16.84
C THR B 202 -8.56 20.06 -18.26
N ASP B 203 -7.79 20.44 -19.27
N ASP B 203 -7.80 20.46 -19.27
CA ASP B 203 -8.04 19.95 -20.63
CA ASP B 203 -8.07 20.00 -20.65
C ASP B 203 -8.01 18.42 -20.69
C ASP B 203 -8.04 18.48 -20.72
N MET B 204 -7.05 17.80 -20.00
N MET B 204 -7.09 17.85 -20.06
CA MET B 204 -6.94 16.33 -19.98
CA MET B 204 -7.04 16.41 -20.21
C MET B 204 -8.19 15.70 -19.38
C MET B 204 -8.17 15.71 -19.41
N PHE B 205 -8.78 16.38 -18.41
CA PHE B 205 -9.97 15.86 -17.74
C PHE B 205 -11.09 15.62 -18.75
N HIS B 206 -11.37 16.65 -19.53
CA HIS B 206 -12.51 16.62 -20.45
C HIS B 206 -12.30 15.62 -21.56
N GLU B 207 -11.09 15.56 -22.09
CA GLU B 207 -10.64 14.57 -23.08
C GLU B 207 -11.08 13.18 -22.69
N VAL B 208 -10.87 12.81 -21.42
CA VAL B 208 -10.93 11.42 -21.01
C VAL B 208 -11.97 11.07 -19.97
N SER B 209 -12.77 12.03 -19.52
CA SER B 209 -13.77 11.76 -18.47
C SER B 209 -14.77 10.68 -18.88
N HIS B 210 -15.04 10.57 -20.18
CA HIS B 210 -15.97 9.55 -20.67
C HIS B 210 -15.45 8.14 -20.58
N HIS B 211 -14.14 7.96 -20.39
CA HIS B 211 -13.56 6.64 -20.14
C HIS B 211 -13.74 6.22 -18.70
N TYR B 212 -13.68 7.17 -17.76
CA TYR B 212 -13.76 6.84 -16.32
C TYR B 212 -15.15 6.50 -15.81
N ILE B 213 -16.16 6.68 -16.66
CA ILE B 213 -17.56 6.50 -16.29
C ILE B 213 -18.28 5.51 -17.20
N PRO B 214 -18.88 4.44 -16.63
CA PRO B 214 -19.77 3.56 -17.40
C PRO B 214 -20.74 4.33 -18.30
N ASN B 215 -20.79 3.94 -19.57
CA ASN B 215 -21.64 4.60 -20.56
C ASN B 215 -21.31 6.11 -20.78
N GLY B 216 -20.08 6.52 -20.46
CA GLY B 216 -19.67 7.94 -20.45
C GLY B 216 -19.96 8.71 -21.74
N THR B 217 -19.86 8.03 -22.86
CA THR B 217 -20.11 8.64 -24.16
C THR B 217 -21.52 9.26 -24.26
N SER B 218 -22.49 8.71 -23.52
CA SER B 218 -23.87 9.19 -23.59
C SER B 218 -24.28 10.15 -22.47
N TYR B 219 -23.30 10.78 -21.82
CA TYR B 219 -23.55 11.90 -20.92
C TYR B 219 -22.84 13.12 -21.48
N THR B 220 -23.34 14.31 -21.14
CA THR B 220 -22.66 15.56 -21.52
C THR B 220 -21.36 15.72 -20.74
N ALA B 221 -20.48 16.61 -21.22
CA ALA B 221 -19.22 16.89 -20.52
C ALA B 221 -19.50 17.46 -19.14
N GLU B 222 -20.45 18.39 -19.09
CA GLU B 222 -21.00 18.91 -17.85
C GLU B 222 -21.40 17.83 -16.85
N GLN B 223 -22.29 16.95 -17.29
CA GLN B 223 -22.75 15.81 -16.48
C GLN B 223 -21.60 14.91 -15.98
N ARG B 224 -20.63 14.65 -16.85
CA ARG B 224 -19.50 13.80 -16.49
C ARG B 224 -18.68 14.46 -15.37
N GLN B 225 -18.48 15.76 -15.46
CA GLN B 225 -17.77 16.52 -14.42
C GLN B 225 -18.50 16.46 -13.08
N GLN B 226 -19.83 16.66 -13.10
CA GLN B 226 -20.64 16.58 -11.89
C GLN B 226 -20.55 15.20 -11.29
N MET B 227 -20.59 14.17 -12.14
CA MET B 227 -20.43 12.79 -11.64
C MET B 227 -19.07 12.56 -10.98
N ALA B 228 -18.02 13.12 -11.57
CA ALA B 228 -16.68 13.04 -10.96
C ALA B 228 -16.61 13.85 -9.66
N ALA B 229 -17.43 14.88 -9.54
CA ALA B 229 -17.51 15.66 -8.31
C ALA B 229 -18.00 14.81 -7.18
N HIS B 230 -18.98 13.97 -7.47
CA HIS B 230 -19.59 13.15 -6.42
C HIS B 230 -18.74 11.97 -6.02
N ALA B 231 -17.62 11.75 -6.69
CA ALA B 231 -16.67 10.71 -6.28
C ALA B 231 -15.98 11.06 -4.98
N SER B 232 -15.74 12.35 -4.77
CA SER B 232 -15.26 12.81 -3.47
C SER B 232 -16.42 12.95 -2.50
N PRO B 233 -16.22 12.54 -1.24
CA PRO B 233 -17.23 12.81 -0.22
C PRO B 233 -17.38 14.29 0.12
N LEU B 234 -16.54 15.16 -0.46
CA LEU B 234 -16.75 16.60 -0.35
C LEU B 234 -17.66 17.15 -1.44
N HIS B 235 -18.12 16.27 -2.34
CA HIS B 235 -19.00 16.61 -3.46
C HIS B 235 -18.56 17.83 -4.25
N ARG B 236 -17.31 17.84 -4.67
CA ARG B 236 -16.84 18.85 -5.60
C ARG B 236 -15.71 18.23 -6.38
N ASN B 237 -15.37 18.85 -7.51
CA ASN B 237 -14.26 18.35 -8.31
C ASN B 237 -12.97 18.78 -7.69
N GLY B 238 -11.91 18.07 -8.02
CA GLY B 238 -10.56 18.57 -7.79
C GLY B 238 -10.20 19.62 -8.81
N TRP B 239 -9.44 20.62 -8.39
CA TRP B 239 -9.00 21.67 -9.28
C TRP B 239 -7.50 21.78 -9.30
N PRO B 240 -6.94 22.40 -10.33
CA PRO B 240 -5.52 22.61 -10.30
C PRO B 240 -5.00 23.27 -9.01
N GLN B 241 -5.72 24.25 -8.48
CA GLN B 241 -5.27 24.92 -7.27
C GLN B 241 -5.07 23.95 -6.12
N ASP B 242 -5.84 22.87 -6.10
CA ASP B 242 -5.76 21.88 -5.02
C ASP B 242 -4.41 21.19 -5.03
N VAL B 243 -3.95 20.78 -6.21
CA VAL B 243 -2.63 20.19 -6.36
C VAL B 243 -1.55 21.25 -6.07
N ALA B 244 -1.75 22.45 -6.59
CA ALA B 244 -0.83 23.55 -6.32
C ALA B 244 -0.65 23.79 -4.80
N ASN B 245 -1.76 23.78 -4.06
CA ASN B 245 -1.73 23.98 -2.60
C ASN B 245 -0.77 23.00 -1.92
N VAL B 246 -0.84 21.74 -2.34
CA VAL B 246 -0.04 20.68 -1.73
C VAL B 246 1.40 20.73 -2.15
N VAL B 247 1.64 20.96 -3.43
CA VAL B 247 3.00 21.06 -3.92
C VAL B 247 3.72 22.19 -3.15
N GLY B 248 3.00 23.31 -2.98
CA GLY B 248 3.52 24.48 -2.28
C GLY B 248 3.95 24.21 -0.87
N PHE B 249 3.21 23.36 -0.17
CA PHE B 249 3.63 22.91 1.16
C PHE B 249 4.84 21.97 1.10
N LEU B 250 4.81 21.02 0.18
CA LEU B 250 5.91 20.04 0.07
C LEU B 250 7.27 20.73 -0.22
N VAL B 251 7.23 21.74 -1.09
CA VAL B 251 8.45 22.43 -1.52
C VAL B 251 8.89 23.50 -0.52
N SER B 252 8.14 23.71 0.56
CA SER B 252 8.50 24.68 1.58
C SER B 252 9.41 24.07 2.63
N LYS B 253 10.03 24.94 3.44
CA LYS B 253 10.81 24.52 4.63
C LYS B 253 10.04 23.49 5.46
N GLU B 254 8.77 23.78 5.68
CA GLU B 254 7.94 23.06 6.62
C GLU B 254 7.54 21.68 6.12
N GLY B 255 7.61 21.43 4.82
CA GLY B 255 7.34 20.11 4.26
C GLY B 255 8.51 19.11 4.29
N GLU B 256 9.63 19.47 4.89
CA GLU B 256 10.85 18.67 4.75
C GLU B 256 10.66 17.24 5.21
N TRP B 257 9.90 17.05 6.28
CA TRP B 257 9.78 15.73 6.89
C TRP B 257 8.85 14.83 6.14
N VAL B 258 8.16 15.37 5.15
CA VAL B 258 7.52 14.56 4.12
C VAL B 258 8.54 14.37 3.02
N ASN B 259 9.01 13.13 2.88
CA ASN B 259 10.13 12.83 1.97
C ASN B 259 10.02 11.39 1.49
N GLY B 260 10.20 11.18 0.19
CA GLY B 260 10.04 9.84 -0.40
C GLY B 260 8.61 9.31 -0.42
N LYS B 261 7.63 10.22 -0.30
CA LYS B 261 6.21 9.83 -0.24
C LYS B 261 5.44 10.24 -1.48
N VAL B 262 4.37 9.51 -1.75
CA VAL B 262 3.45 9.81 -2.84
C VAL B 262 2.13 10.22 -2.18
N LEU B 263 1.70 11.48 -2.32
CA LEU B 263 0.42 11.93 -1.74
C LEU B 263 -0.69 11.88 -2.77
N THR B 264 -1.70 11.06 -2.52
CA THR B 264 -2.84 10.97 -3.39
C THR B 264 -3.79 12.13 -3.07
N LEU B 265 -4.10 12.92 -4.10
CA LEU B 265 -4.90 14.14 -3.95
C LEU B 265 -6.21 13.99 -4.73
N ASP B 266 -7.20 13.35 -4.10
CA ASP B 266 -8.49 13.07 -4.74
C ASP B 266 -9.68 13.48 -3.86
N GLY B 267 -9.42 14.35 -2.90
CA GLY B 267 -10.43 14.79 -1.94
C GLY B 267 -11.14 13.68 -1.20
N GLY B 268 -10.48 12.53 -1.05
CA GLY B 268 -11.04 11.39 -0.27
C GLY B 268 -11.85 10.38 -1.08
N ALA B 269 -11.71 10.42 -2.40
CA ALA B 269 -12.41 9.45 -3.25
C ALA B 269 -11.98 8.02 -2.90
N ALA B 270 -10.67 7.78 -2.74
CA ALA B 270 -10.13 6.41 -2.57
C ALA B 270 -10.69 5.64 -1.35
N PRO C 13 2.20 -33.19 -2.11
CA PRO C 13 2.25 -32.06 -3.05
C PRO C 13 1.05 -31.10 -2.87
N GLY C 14 1.18 -30.25 -1.86
CA GLY C 14 0.11 -29.38 -1.39
C GLY C 14 -0.78 -30.09 -0.38
N ARG C 15 -0.48 -31.35 -0.07
CA ARG C 15 -1.27 -32.12 0.89
C ARG C 15 -0.78 -31.91 2.33
N LEU C 16 -1.64 -32.29 3.27
CA LEU C 16 -1.43 -32.00 4.67
C LEU C 16 -1.47 -33.30 5.48
N ASP C 17 -1.14 -34.41 4.86
CA ASP C 17 -1.23 -35.72 5.53
C ASP C 17 -0.32 -35.72 6.76
N GLY C 18 -0.87 -36.18 7.89
CA GLY C 18 -0.15 -36.20 9.17
C GLY C 18 -0.28 -34.91 9.98
N LYS C 19 -0.85 -33.87 9.37
CA LYS C 19 -0.98 -32.58 10.04
C LYS C 19 -2.31 -32.46 10.77
N VAL C 20 -2.34 -31.56 11.74
CA VAL C 20 -3.56 -31.24 12.50
C VAL C 20 -3.80 -29.75 12.38
N ALA C 21 -5.02 -29.39 11.97
CA ALA C 21 -5.42 -27.99 11.76
C ALA C 21 -6.59 -27.62 12.67
N LEU C 22 -6.67 -26.34 13.01
CA LEU C 22 -7.76 -25.80 13.80
C LEU C 22 -8.31 -24.59 13.07
N VAL C 23 -9.63 -24.49 12.98
CA VAL C 23 -10.27 -23.37 12.30
C VAL C 23 -11.36 -22.80 13.20
N THR C 24 -11.20 -21.51 13.58
CA THR C 24 -12.21 -20.83 14.39
C THR C 24 -13.43 -20.54 13.54
N GLY C 25 -14.61 -20.67 14.12
CA GLY C 25 -15.87 -20.42 13.44
C GLY C 25 -16.06 -21.21 12.17
N SER C 26 -15.77 -22.51 12.23
CA SER C 26 -15.83 -23.34 11.03
C SER C 26 -17.08 -24.20 10.96
N GLY C 27 -18.12 -23.79 11.70
CA GLY C 27 -19.43 -24.41 11.59
C GLY C 27 -20.13 -24.01 10.31
N ARG C 28 -19.81 -22.82 9.79
CA ARG C 28 -20.47 -22.34 8.59
C ARG C 28 -19.65 -21.30 7.86
N GLY C 29 -20.15 -20.88 6.72
CA GLY C 29 -19.52 -19.83 5.95
C GLY C 29 -18.14 -20.26 5.49
N ILE C 30 -17.23 -19.29 5.44
CA ILE C 30 -15.90 -19.50 4.90
C ILE C 30 -15.17 -20.53 5.74
N GLY C 31 -15.23 -20.37 7.06
CA GLY C 31 -14.60 -21.31 7.97
C GLY C 31 -14.97 -22.75 7.70
N ALA C 32 -16.24 -23.02 7.42
CA ALA C 32 -16.66 -24.38 7.15
C ALA C 32 -15.97 -24.92 5.91
N ALA C 33 -15.90 -24.11 4.87
CA ALA C 33 -15.25 -24.51 3.64
C ALA C 33 -13.75 -24.73 3.89
N VAL C 34 -13.13 -23.89 4.71
CA VAL C 34 -11.70 -24.05 5.02
C VAL C 34 -11.45 -25.38 5.73
N ALA C 35 -12.28 -25.64 6.74
CA ALA C 35 -12.15 -26.83 7.53
C ALA C 35 -12.25 -28.10 6.70
N VAL C 36 -13.31 -28.20 5.92
CA VAL C 36 -13.53 -29.37 5.07
C VAL C 36 -12.35 -29.54 4.11
N HIS C 37 -11.89 -28.44 3.53
CA HIS C 37 -10.80 -28.47 2.55
C HIS C 37 -9.48 -28.88 3.17
N LEU C 38 -9.17 -28.42 4.36
CA LEU C 38 -7.96 -28.89 5.06
C LEU C 38 -8.05 -30.40 5.35
N GLY C 39 -9.24 -30.88 5.67
CA GLY C 39 -9.49 -32.31 5.78
C GLY C 39 -9.29 -33.03 4.47
N ARG C 40 -9.85 -32.48 3.39
CA ARG C 40 -9.69 -33.07 2.07
C ARG C 40 -8.20 -33.20 1.76
N LEU C 41 -7.40 -32.21 2.19
CA LEU C 41 -5.94 -32.23 1.91
C LEU C 41 -5.21 -33.19 2.82
N GLY C 42 -5.91 -33.75 3.81
CA GLY C 42 -5.39 -34.85 4.60
C GLY C 42 -5.23 -34.52 6.06
N ALA C 43 -5.45 -33.27 6.44
CA ALA C 43 -5.27 -32.89 7.83
C ALA C 43 -6.38 -33.44 8.67
N LYS C 44 -6.08 -33.68 9.95
CA LYS C 44 -7.11 -33.83 10.96
C LYS C 44 -7.55 -32.42 11.39
N VAL C 45 -8.85 -32.20 11.62
CA VAL C 45 -9.35 -30.82 11.79
C VAL C 45 -10.17 -30.60 13.07
N VAL C 46 -9.82 -29.54 13.81
CA VAL C 46 -10.57 -29.13 14.99
C VAL C 46 -11.51 -28.04 14.49
N VAL C 47 -12.81 -28.31 14.61
CA VAL C 47 -13.85 -27.45 14.12
C VAL C 47 -14.44 -26.64 15.27
N ASN C 48 -14.01 -25.38 15.38
CA ASN C 48 -14.52 -24.53 16.44
C ASN C 48 -15.82 -23.81 16.05
N TYR C 49 -16.74 -23.71 17.01
CA TYR C 49 -17.96 -22.93 16.85
C TYR C 49 -18.29 -22.25 18.16
N ALA C 50 -19.19 -21.27 18.08
CA ALA C 50 -19.70 -20.57 19.25
C ALA C 50 -21.18 -20.88 19.49
N ASN C 51 -21.96 -21.04 18.43
CA ASN C 51 -23.43 -21.29 18.52
C ASN C 51 -23.96 -22.39 17.60
N SER C 52 -23.37 -22.52 16.42
CA SER C 52 -23.85 -23.41 15.35
C SER C 52 -23.49 -24.88 15.57
N THR C 53 -24.02 -25.48 16.63
CA THR C 53 -23.67 -26.83 16.99
C THR C 53 -23.93 -27.81 15.85
N LYS C 54 -25.16 -27.77 15.34
CA LYS C 54 -25.58 -28.69 14.29
C LYS C 54 -24.71 -28.55 13.05
N ASP C 55 -24.43 -27.31 12.66
CA ASP C 55 -23.58 -27.07 11.50
C ASP C 55 -22.14 -27.56 11.73
N ALA C 56 -21.60 -27.33 12.92
CA ALA C 56 -20.26 -27.82 13.26
C ALA C 56 -20.18 -29.32 13.14
N GLU C 57 -21.22 -30.01 13.56
CA GLU C 57 -21.25 -31.47 13.44
C GLU C 57 -21.39 -31.96 11.99
N LYS C 58 -22.12 -31.23 11.16
CA LYS C 58 -22.14 -31.53 9.73
C LYS C 58 -20.73 -31.43 9.15
N VAL C 59 -20.01 -30.36 9.49
CA VAL C 59 -18.65 -30.17 8.98
C VAL C 59 -17.75 -31.33 9.43
N VAL C 60 -17.80 -31.68 10.72
CA VAL C 60 -17.07 -32.82 11.24
C VAL C 60 -17.37 -34.07 10.39
N SER C 61 -18.64 -34.36 10.19
CA SER C 61 -19.07 -35.54 9.40
C SER C 61 -18.51 -35.55 7.98
N GLU C 62 -18.57 -34.41 7.31
CA GLU C 62 -18.01 -34.30 5.97
C GLU C 62 -16.54 -34.65 5.96
N ILE C 63 -15.81 -34.18 6.97
CA ILE C 63 -14.40 -34.43 7.08
C ILE C 63 -14.14 -35.93 7.32
N LYS C 64 -14.95 -36.57 8.17
CA LYS C 64 -14.83 -38.02 8.39
C LYS C 64 -15.18 -38.81 7.13
N ALA C 65 -16.24 -38.36 6.45
CA ALA C 65 -16.66 -39.00 5.20
C ALA C 65 -15.56 -38.94 4.12
N LEU C 66 -14.83 -37.83 4.05
CA LEU C 66 -13.67 -37.78 3.14
C LEU C 66 -12.46 -38.56 3.58
N GLY C 67 -12.53 -39.24 4.71
CA GLY C 67 -11.46 -40.14 5.11
C GLY C 67 -10.47 -39.56 6.11
N SER C 68 -10.76 -38.37 6.63
CA SER C 68 -9.92 -37.80 7.67
C SER C 68 -10.67 -37.84 9.00
N ASP C 69 -10.14 -37.16 10.02
CA ASP C 69 -10.77 -37.11 11.32
C ASP C 69 -10.98 -35.67 11.76
N ALA C 70 -11.97 -35.45 12.62
CA ALA C 70 -12.28 -34.09 13.09
C ALA C 70 -13.09 -34.13 14.37
N ILE C 71 -13.06 -33.03 15.11
CA ILE C 71 -13.81 -32.91 16.34
C ILE C 71 -14.35 -31.46 16.40
N ALA C 72 -15.59 -31.33 16.86
CA ALA C 72 -16.22 -30.04 17.04
C ALA C 72 -15.96 -29.61 18.47
N ILE C 73 -15.47 -28.40 18.66
CA ILE C 73 -15.26 -27.86 20.00
C ILE C 73 -15.85 -26.45 20.13
N LYS C 74 -16.78 -26.29 21.07
CA LYS C 74 -17.41 -25.01 21.35
C LYS C 74 -16.47 -24.08 22.13
N ALA C 75 -16.31 -22.84 21.68
CA ALA C 75 -15.54 -21.86 22.39
C ALA C 75 -15.83 -20.48 21.84
N ASP C 76 -16.08 -19.55 22.74
CA ASP C 76 -16.41 -18.18 22.41
C ASP C 76 -15.10 -17.44 22.23
N ILE C 77 -14.72 -17.16 20.98
CA ILE C 77 -13.42 -16.57 20.71
C ILE C 77 -13.25 -15.15 21.30
N ARG C 78 -14.32 -14.55 21.79
CA ARG C 78 -14.20 -13.28 22.47
C ARG C 78 -13.54 -13.45 23.83
N GLN C 79 -13.66 -14.64 24.40
CA GLN C 79 -13.12 -14.93 25.72
C GLN C 79 -11.73 -15.56 25.58
N VAL C 80 -10.70 -14.79 25.88
CA VAL C 80 -9.33 -15.29 25.83
C VAL C 80 -9.16 -16.58 26.63
N PRO C 81 -9.74 -16.66 27.85
CA PRO C 81 -9.61 -17.96 28.56
C PRO C 81 -10.20 -19.15 27.79
N GLU C 82 -11.23 -18.92 27.02
CA GLU C 82 -11.79 -20.00 26.18
C GLU C 82 -10.93 -20.32 24.97
N ILE C 83 -10.15 -19.34 24.50
CA ILE C 83 -9.23 -19.58 23.39
C ILE C 83 -8.11 -20.49 23.89
N VAL C 84 -7.61 -20.19 25.09
CA VAL C 84 -6.57 -21.02 25.72
C VAL C 84 -7.06 -22.45 25.81
N LYS C 85 -8.22 -22.65 26.41
CA LYS C 85 -8.83 -23.98 26.58
C LYS C 85 -9.08 -24.66 25.22
N LEU C 86 -9.57 -23.93 24.25
CA LEU C 86 -9.78 -24.50 22.90
C LEU C 86 -8.49 -25.14 22.37
N PHE C 87 -7.38 -24.43 22.52
CA PHE C 87 -6.10 -24.92 22.03
C PHE C 87 -5.55 -26.07 22.86
N ASP C 88 -5.70 -26.00 24.19
CA ASP C 88 -5.33 -27.10 25.06
C ASP C 88 -6.10 -28.38 24.74
N GLN C 89 -7.40 -28.26 24.50
CA GLN C 89 -8.22 -29.39 24.08
C GLN C 89 -7.80 -29.91 22.69
N ALA C 90 -7.42 -29.01 21.79
CA ALA C 90 -6.92 -29.40 20.46
C ALA C 90 -5.70 -30.32 20.58
N VAL C 91 -4.71 -29.87 21.31
CA VAL C 91 -3.47 -30.64 21.47
C VAL C 91 -3.70 -31.92 22.24
N ALA C 92 -4.53 -31.86 23.27
CA ALA C 92 -4.81 -33.07 24.06
C ALA C 92 -5.55 -34.11 23.22
N HIS C 93 -6.42 -33.69 22.30
CA HIS C 93 -7.19 -34.63 21.50
C HIS C 93 -6.39 -35.27 20.42
N PHE C 94 -5.66 -34.45 19.64
CA PHE C 94 -4.96 -34.96 18.48
C PHE C 94 -3.45 -35.15 18.67
N GLY C 95 -2.90 -34.66 19.79
CA GLY C 95 -1.51 -34.91 20.17
C GLY C 95 -0.60 -33.74 19.87
N HIS C 96 -0.91 -33.02 18.79
CA HIS C 96 -0.15 -31.84 18.43
C HIS C 96 -1.01 -30.98 17.53
N LEU C 97 -0.53 -29.80 17.18
CA LEU C 97 -1.28 -28.88 16.33
C LEU C 97 -0.31 -28.20 15.41
N ASP C 98 -0.59 -28.22 14.11
CA ASP C 98 0.33 -27.66 13.13
C ASP C 98 -0.19 -26.37 12.48
N ILE C 99 -1.52 -26.27 12.35
CA ILE C 99 -2.14 -25.25 11.52
C ILE C 99 -3.27 -24.61 12.31
N ALA C 100 -3.31 -23.28 12.32
CA ALA C 100 -4.37 -22.55 12.99
C ALA C 100 -4.90 -21.50 12.03
N VAL C 101 -6.17 -21.63 11.67
CA VAL C 101 -6.81 -20.64 10.85
C VAL C 101 -7.80 -19.89 11.74
N SER C 102 -7.58 -18.58 11.82
CA SER C 102 -8.43 -17.68 12.57
C SER C 102 -9.37 -17.06 11.56
N ASN C 103 -10.65 -17.39 11.70
CA ASN C 103 -11.68 -17.05 10.74
C ASN C 103 -12.87 -16.30 11.34
N SER C 104 -13.19 -16.58 12.60
CA SER C 104 -14.34 -15.98 13.23
C SER C 104 -14.33 -14.47 13.08
N GLY C 105 -15.51 -13.91 12.77
CA GLY C 105 -15.68 -12.50 12.60
C GLY C 105 -17.15 -12.14 12.47
N VAL C 106 -17.47 -10.88 12.74
CA VAL C 106 -18.79 -10.34 12.52
C VAL C 106 -18.62 -9.02 11.75
N VAL C 107 -19.67 -8.63 11.06
CA VAL C 107 -19.63 -7.42 10.24
C VAL C 107 -20.52 -6.37 10.90
N SER C 108 -20.34 -5.12 10.53
CA SER C 108 -21.12 -4.02 11.13
C SER C 108 -21.21 -2.89 10.15
N PHE C 109 -22.28 -2.12 10.28
CA PHE C 109 -22.46 -0.92 9.50
C PHE C 109 -23.06 0.17 10.34
N GLY C 110 -22.62 1.40 10.09
CA GLY C 110 -23.17 2.56 10.76
C GLY C 110 -22.29 3.75 10.50
N HIS C 111 -22.93 4.89 10.37
CA HIS C 111 -22.23 6.14 10.27
C HIS C 111 -21.50 6.36 11.56
N LEU C 112 -20.26 6.84 11.44
CA LEU C 112 -19.42 7.21 12.58
C LEU C 112 -20.22 7.83 13.72
N LYS C 113 -21.06 8.80 13.37
CA LYS C 113 -21.81 9.57 14.39
C LYS C 113 -22.73 8.75 15.29
N ASP C 114 -23.17 7.58 14.82
CA ASP C 114 -24.07 6.72 15.55
C ASP C 114 -23.47 5.46 16.15
N VAL C 115 -22.18 5.20 15.92
CA VAL C 115 -21.58 4.01 16.46
C VAL C 115 -21.38 4.14 17.96
N THR C 116 -21.80 3.13 18.69
CA THR C 116 -21.77 3.14 20.15
C THR C 116 -20.56 2.34 20.69
N GLU C 117 -20.28 2.54 21.96
CA GLU C 117 -19.28 1.74 22.70
C GLU C 117 -19.54 0.25 22.56
N GLU C 118 -20.80 -0.16 22.77
CA GLU C 118 -21.17 -1.57 22.75
C GLU C 118 -20.96 -2.19 21.36
N GLU C 119 -21.22 -1.42 20.30
CA GLU C 119 -21.03 -1.91 18.95
C GLU C 119 -19.55 -1.98 18.62
N PHE C 120 -18.77 -0.97 18.99
CA PHE C 120 -17.32 -1.04 18.87
C PHE C 120 -16.81 -2.31 19.54
N ASP C 121 -17.19 -2.50 20.79
CA ASP C 121 -16.72 -3.64 21.57
C ASP C 121 -17.17 -4.99 20.96
N ARG C 122 -18.43 -5.07 20.53
CA ARG C 122 -18.93 -6.27 19.88
C ARG C 122 -18.04 -6.69 18.71
N VAL C 123 -17.67 -5.72 17.87
CA VAL C 123 -16.92 -5.99 16.65
C VAL C 123 -15.44 -6.24 16.89
N PHE C 124 -14.80 -5.32 17.62
CA PHE C 124 -13.37 -5.48 17.93
C PHE C 124 -13.04 -6.65 18.83
N SER C 125 -13.90 -6.98 19.78
CA SER C 125 -13.60 -8.11 20.69
C SER C 125 -13.38 -9.44 19.96
N LEU C 126 -14.07 -9.63 18.85
CA LEU C 126 -13.93 -10.84 18.08
C LEU C 126 -12.96 -10.67 16.90
N ASN C 127 -13.18 -9.63 16.10
CA ASN C 127 -12.43 -9.46 14.86
C ASN C 127 -10.96 -9.14 15.03
N THR C 128 -10.61 -8.47 16.12
CA THR C 128 -9.26 -7.95 16.31
C THR C 128 -8.65 -8.58 17.56
N ARG C 129 -9.26 -8.31 18.69
CA ARG C 129 -8.79 -8.83 19.94
C ARG C 129 -8.75 -10.35 19.91
N GLY C 130 -9.88 -10.95 19.55
CA GLY C 130 -9.99 -12.40 19.51
C GLY C 130 -8.97 -13.00 18.56
N GLN C 131 -8.85 -12.43 17.38
CA GLN C 131 -7.88 -12.93 16.40
C GLN C 131 -6.45 -12.82 16.94
N PHE C 132 -6.17 -11.72 17.61
CA PHE C 132 -4.87 -11.53 18.21
C PHE C 132 -4.54 -12.68 19.16
N PHE C 133 -5.47 -13.04 20.03
CA PHE C 133 -5.17 -14.04 21.05
C PHE C 133 -5.33 -15.47 20.54
N VAL C 134 -6.07 -15.65 19.44
CA VAL C 134 -5.99 -16.91 18.72
C VAL C 134 -4.56 -17.09 18.19
N ALA C 135 -4.00 -16.02 17.62
CA ALA C 135 -2.62 -16.03 17.15
C ALA C 135 -1.65 -16.37 18.27
N ARG C 136 -1.82 -15.71 19.41
CA ARG C 136 -0.96 -15.96 20.58
C ARG C 136 -1.01 -17.43 21.00
N GLU C 137 -2.20 -17.97 21.19
CA GLU C 137 -2.32 -19.37 21.57
C GLU C 137 -1.84 -20.30 20.47
N ALA C 138 -2.05 -19.92 19.21
CA ALA C 138 -1.50 -20.69 18.10
C ALA C 138 0.03 -20.78 18.22
N TYR C 139 0.71 -19.64 18.39
CA TYR C 139 2.17 -19.67 18.55
C TYR C 139 2.59 -20.57 19.68
N ARG C 140 1.94 -20.43 20.83
CA ARG C 140 2.32 -21.21 22.00
C ARG C 140 2.16 -22.71 21.81
N HIS C 141 1.12 -23.13 21.09
CA HIS C 141 0.80 -24.55 20.98
C HIS C 141 1.30 -25.24 19.73
N LEU C 142 1.58 -24.47 18.69
CA LEU C 142 1.94 -25.05 17.40
C LEU C 142 3.29 -25.77 17.44
N THR C 143 3.37 -26.87 16.68
CA THR C 143 4.63 -27.54 16.44
C THR C 143 5.46 -26.65 15.53
N GLU C 144 6.77 -26.81 15.62
CA GLU C 144 7.68 -26.08 14.77
C GLU C 144 7.37 -26.32 13.30
N GLY C 145 7.52 -25.29 12.47
CA GLY C 145 7.26 -25.43 11.04
C GLY C 145 5.78 -25.27 10.68
N GLY C 146 4.99 -24.85 11.65
CA GLY C 146 3.55 -24.72 11.52
C GLY C 146 3.07 -23.48 10.78
N ARG C 147 1.77 -23.22 10.86
CA ARG C 147 1.15 -22.22 10.02
C ARG C 147 0.03 -21.53 10.75
N ILE C 148 0.00 -20.20 10.66
CA ILE C 148 -1.09 -19.40 11.18
C ILE C 148 -1.63 -18.52 10.06
N VAL C 149 -2.95 -18.48 9.94
CA VAL C 149 -3.60 -17.63 8.97
C VAL C 149 -4.77 -16.93 9.67
N LEU C 150 -4.76 -15.59 9.62
CA LEU C 150 -5.84 -14.77 10.15
C LEU C 150 -6.70 -14.28 8.98
N THR C 151 -7.86 -13.70 9.31
CA THR C 151 -8.78 -13.25 8.27
C THR C 151 -8.98 -11.74 8.36
N SER C 152 -8.65 -11.06 7.27
CA SER C 152 -8.87 -9.63 7.15
C SER C 152 -10.05 -9.43 6.23
N SER C 153 -9.99 -8.42 5.39
CA SER C 153 -11.09 -8.08 4.51
C SER C 153 -10.55 -7.16 3.44
N ASN C 154 -11.17 -7.17 2.27
CA ASN C 154 -10.79 -6.22 1.21
C ASN C 154 -11.10 -4.79 1.60
N THR C 155 -11.96 -4.62 2.61
CA THR C 155 -12.38 -3.28 3.04
C THR C 155 -11.41 -2.65 4.03
N SER C 156 -10.41 -3.41 4.45
CA SER C 156 -9.36 -2.92 5.30
C SER C 156 -8.48 -1.86 4.60
N LYS C 157 -8.12 -2.13 3.34
CA LYS C 157 -7.27 -1.24 2.55
C LYS C 157 -7.80 -0.97 1.14
N ASP C 158 -8.30 -2.00 0.48
CA ASP C 158 -8.48 -1.96 -0.97
C ASP C 158 -9.82 -1.37 -1.40
N PHE C 159 -10.81 -1.42 -0.53
CA PHE C 159 -12.19 -1.07 -0.87
C PHE C 159 -12.76 -0.18 0.23
N SER C 160 -13.32 0.95 -0.16
CA SER C 160 -13.78 1.95 0.78
C SER C 160 -15.27 2.07 0.71
N VAL C 161 -15.96 1.67 1.76
CA VAL C 161 -17.42 1.71 1.80
C VAL C 161 -17.92 2.67 2.87
N PRO C 162 -18.83 3.59 2.51
CA PRO C 162 -19.42 4.46 3.53
C PRO C 162 -20.05 3.67 4.67
N LYS C 163 -19.99 4.22 5.88
CA LYS C 163 -20.61 3.64 7.07
C LYS C 163 -20.02 2.30 7.48
N HIS C 164 -18.77 2.07 7.11
CA HIS C 164 -18.08 0.81 7.32
C HIS C 164 -16.79 0.99 8.08
N SER C 165 -16.68 2.08 8.84
CA SER C 165 -15.39 2.43 9.46
C SER C 165 -14.97 1.45 10.53
N LEU C 166 -15.91 1.06 11.37
CA LEU C 166 -15.63 0.14 12.46
C LEU C 166 -15.05 -1.18 11.96
N TYR C 167 -15.74 -1.82 11.03
CA TYR C 167 -15.33 -3.11 10.54
C TYR C 167 -14.02 -2.99 9.84
N SER C 168 -13.92 -1.99 8.96
CA SER C 168 -12.70 -1.80 8.15
C SER C 168 -11.48 -1.67 9.06
N GLY C 169 -11.63 -0.89 10.12
CA GLY C 169 -10.58 -0.74 11.13
C GLY C 169 -10.26 -2.04 11.83
N SER C 170 -11.29 -2.81 12.17
CA SER C 170 -11.10 -4.05 12.91
C SER C 170 -10.21 -5.00 12.12
N LYS C 171 -10.29 -4.93 10.81
CA LYS C 171 -9.48 -5.76 9.95
C LYS C 171 -8.17 -5.09 9.52
N GLY C 172 -8.10 -3.78 9.58
CA GLY C 172 -6.84 -3.07 9.36
C GLY C 172 -5.82 -3.43 10.42
N ALA C 173 -6.25 -3.55 11.67
CA ALA C 173 -5.37 -4.02 12.73
C ALA C 173 -4.81 -5.42 12.42
N VAL C 174 -5.63 -6.28 11.87
CA VAL C 174 -5.20 -7.65 11.56
C VAL C 174 -4.10 -7.65 10.51
N ASP C 175 -4.22 -6.77 9.50
CA ASP C 175 -3.19 -6.66 8.46
C ASP C 175 -1.85 -6.38 9.10
N SER C 176 -1.82 -5.39 9.98
CA SER C 176 -0.60 -5.03 10.68
C SER C 176 -0.10 -6.18 11.55
N PHE C 177 -1.00 -6.78 12.32
CA PHE C 177 -0.64 -7.91 13.19
C PHE C 177 0.15 -8.96 12.44
N VAL C 178 -0.35 -9.43 11.31
CA VAL C 178 0.22 -10.63 10.70
C VAL C 178 1.63 -10.33 10.21
N ARG C 179 1.87 -9.12 9.70
CA ARG C 179 3.22 -8.73 9.26
C ARG C 179 4.25 -8.83 10.41
N ILE C 180 3.86 -8.40 11.61
CA ILE C 180 4.81 -8.43 12.74
C ILE C 180 4.77 -9.80 13.40
N PHE C 181 3.62 -10.46 13.39
CA PHE C 181 3.54 -11.80 13.94
C PHE C 181 4.58 -12.68 13.26
N SER C 182 4.81 -12.45 11.97
CA SER C 182 5.69 -13.30 11.21
C SER C 182 7.10 -13.17 11.79
N LYS C 183 7.45 -12.00 12.32
CA LYS C 183 8.81 -11.82 12.87
C LYS C 183 8.99 -12.64 14.16
N ASP C 184 8.03 -12.50 15.06
CA ASP C 184 8.03 -13.22 16.33
C ASP C 184 7.90 -14.75 16.12
N CYS C 185 7.00 -15.16 15.23
CA CYS C 185 6.70 -16.58 15.02
C CYS C 185 7.79 -17.34 14.26
N GLY C 186 8.67 -16.58 13.63
CA GLY C 186 9.83 -17.14 12.96
C GLY C 186 10.75 -17.92 13.87
N ASP C 187 10.76 -17.62 15.16
CA ASP C 187 11.66 -18.40 16.06
C ASP C 187 11.20 -19.84 16.26
N LYS C 188 9.97 -20.17 15.85
CA LYS C 188 9.48 -21.55 15.79
C LYS C 188 9.25 -21.95 14.33
N LYS C 189 9.76 -21.14 13.42
CA LYS C 189 9.57 -21.35 11.98
C LYS C 189 8.10 -21.50 11.59
N ILE C 190 7.25 -20.69 12.19
CA ILE C 190 5.82 -20.67 11.89
C ILE C 190 5.59 -19.47 11.01
N THR C 191 4.97 -19.67 9.84
CA THR C 191 4.67 -18.55 8.96
C THR C 191 3.29 -18.02 9.39
N VAL C 192 3.07 -16.73 9.16
CA VAL C 192 1.83 -16.09 9.53
C VAL C 192 1.36 -15.17 8.41
N ASN C 193 0.14 -15.42 7.95
CA ASN C 193 -0.46 -14.61 6.89
C ASN C 193 -1.92 -14.29 7.18
N ALA C 194 -2.53 -13.47 6.34
CA ALA C 194 -3.94 -13.24 6.41
C ALA C 194 -4.54 -13.35 5.02
N VAL C 195 -5.79 -13.80 4.94
CA VAL C 195 -6.55 -13.71 3.72
C VAL C 195 -7.57 -12.59 3.93
N ALA C 196 -7.77 -11.77 2.89
CA ALA C 196 -8.65 -10.62 2.93
C ALA C 196 -9.67 -10.82 1.84
N PRO C 197 -10.72 -11.58 2.15
CA PRO C 197 -11.73 -11.79 1.13
C PRO C 197 -12.49 -10.50 0.78
N GLY C 198 -12.99 -10.44 -0.44
CA GLY C 198 -14.05 -9.53 -0.80
C GLY C 198 -15.37 -10.23 -0.61
N GLY C 199 -16.41 -9.73 -1.27
CA GLY C 199 -17.75 -10.30 -1.18
C GLY C 199 -17.73 -11.79 -1.45
N THR C 200 -17.95 -12.57 -0.41
CA THR C 200 -17.97 -14.03 -0.52
C THR C 200 -19.34 -14.50 -0.05
N VAL C 201 -20.02 -15.29 -0.88
CA VAL C 201 -21.42 -15.66 -0.64
C VAL C 201 -21.53 -16.61 0.54
N THR C 202 -21.97 -16.03 1.67
CA THR C 202 -22.24 -16.71 2.94
C THR C 202 -23.44 -15.99 3.61
N ASP C 203 -23.80 -16.40 4.82
CA ASP C 203 -24.85 -15.71 5.57
C ASP C 203 -24.52 -14.24 5.78
N MET C 204 -23.26 -13.93 6.08
CA MET C 204 -22.83 -12.54 6.22
C MET C 204 -23.01 -11.73 4.94
N PHE C 205 -22.82 -12.38 3.80
CA PHE C 205 -22.96 -11.71 2.52
C PHE C 205 -24.35 -11.12 2.39
N HIS C 206 -25.35 -11.94 2.62
CA HIS C 206 -26.73 -11.58 2.34
C HIS C 206 -27.22 -10.50 3.26
N GLU C 207 -26.87 -10.60 4.54
CA GLU C 207 -27.29 -9.58 5.50
C GLU C 207 -26.78 -8.21 5.09
N VAL C 208 -25.60 -8.11 4.48
CA VAL C 208 -24.96 -6.81 4.28
C VAL C 208 -24.63 -6.42 2.83
N SER C 209 -25.03 -7.24 1.86
CA SER C 209 -24.81 -6.90 0.46
C SER C 209 -25.44 -5.55 0.04
N HIS C 210 -26.50 -5.16 0.73
CA HIS C 210 -27.17 -3.91 0.41
C HIS C 210 -26.45 -2.67 0.83
N HIS C 211 -25.39 -2.84 1.63
CA HIS C 211 -24.49 -1.75 1.98
C HIS C 211 -23.38 -1.58 0.98
N TYR C 212 -22.92 -2.69 0.42
CA TYR C 212 -21.78 -2.69 -0.51
C TYR C 212 -22.10 -2.18 -1.91
N ILE C 213 -23.39 -1.95 -2.21
CA ILE C 213 -23.76 -1.43 -3.54
C ILE C 213 -24.74 -0.25 -3.50
N PRO C 214 -24.38 0.82 -4.24
CA PRO C 214 -25.22 2.02 -4.36
C PRO C 214 -26.71 1.70 -4.56
N ASN C 215 -27.56 2.33 -3.74
CA ASN C 215 -29.00 2.11 -3.78
C ASN C 215 -29.42 0.66 -3.47
N GLY C 216 -28.56 -0.10 -2.77
CA GLY C 216 -28.77 -1.54 -2.53
C GLY C 216 -30.11 -1.96 -1.94
N THR C 217 -30.66 -1.09 -1.11
CA THR C 217 -31.93 -1.37 -0.46
C THR C 217 -33.08 -1.56 -1.47
N SER C 218 -32.95 -0.98 -2.68
CA SER C 218 -34.01 -1.11 -3.70
C SER C 218 -33.76 -2.20 -4.77
N TYR C 219 -32.87 -3.15 -4.48
CA TYR C 219 -32.69 -4.33 -5.34
C TYR C 219 -33.01 -5.58 -4.51
N THR C 220 -33.38 -6.66 -5.19
CA THR C 220 -33.57 -7.97 -4.52
C THR C 220 -32.23 -8.54 -4.07
N ALA C 221 -32.25 -9.52 -3.16
CA ALA C 221 -31.02 -10.18 -2.70
C ALA C 221 -30.33 -10.89 -3.86
N GLU C 222 -31.12 -11.59 -4.68
CA GLU C 222 -30.64 -12.15 -5.93
C GLU C 222 -29.91 -11.14 -6.83
N GLN C 223 -30.56 -10.02 -7.12
CA GLN C 223 -29.96 -8.95 -7.92
C GLN C 223 -28.66 -8.40 -7.32
N ARG C 224 -28.65 -8.26 -6.00
CA ARG C 224 -27.46 -7.74 -5.34
C ARG C 224 -26.29 -8.68 -5.55
N GLN C 225 -26.56 -9.98 -5.43
CA GLN C 225 -25.54 -11.01 -5.60
C GLN C 225 -24.96 -10.94 -7.00
N GLN C 226 -25.84 -10.82 -8.00
CA GLN C 226 -25.39 -10.69 -9.38
C GLN C 226 -24.54 -9.43 -9.55
N MET C 227 -24.98 -8.34 -8.96
CA MET C 227 -24.21 -7.08 -9.03
C MET C 227 -22.83 -7.23 -8.39
N ALA C 228 -22.76 -7.91 -7.26
CA ALA C 228 -21.48 -8.20 -6.63
C ALA C 228 -20.61 -9.14 -7.48
N ALA C 229 -21.26 -9.99 -8.25
CA ALA C 229 -20.57 -10.85 -9.19
C ALA C 229 -19.84 -10.02 -10.24
N HIS C 230 -20.47 -8.95 -10.70
CA HIS C 230 -19.86 -8.13 -11.75
C HIS C 230 -18.77 -7.21 -11.25
N ALA C 231 -18.53 -7.17 -9.94
CA ALA C 231 -17.40 -6.39 -9.41
C ALA C 231 -16.09 -7.03 -9.81
N SER C 232 -16.07 -8.36 -9.87
CA SER C 232 -14.91 -9.06 -10.39
C SER C 232 -14.94 -9.05 -11.91
N PRO C 233 -13.78 -8.84 -12.52
CA PRO C 233 -13.73 -8.97 -13.97
C PRO C 233 -13.89 -10.41 -14.44
N LEU C 234 -13.96 -11.36 -13.52
CA LEU C 234 -14.31 -12.74 -13.91
C LEU C 234 -15.84 -12.97 -13.94
N HIS C 235 -16.60 -11.92 -13.59
CA HIS C 235 -18.07 -11.93 -13.57
C HIS C 235 -18.66 -13.10 -12.84
N ARG C 236 -18.20 -13.32 -11.61
CA ARG C 236 -18.82 -14.32 -10.74
C ARG C 236 -18.58 -13.88 -9.32
N ASN C 237 -19.32 -14.45 -8.38
CA ASN C 237 -19.14 -14.16 -6.97
C ASN C 237 -17.95 -14.91 -6.44
N GLY C 238 -17.36 -14.41 -5.36
CA GLY C 238 -16.45 -15.20 -4.57
C GLY C 238 -17.23 -16.21 -3.75
N TRP C 239 -16.65 -17.39 -3.58
CA TRP C 239 -17.28 -18.43 -2.77
C TRP C 239 -16.38 -18.88 -1.66
N PRO C 240 -16.95 -19.51 -0.63
CA PRO C 240 -16.08 -20.01 0.44
C PRO C 240 -14.93 -20.89 -0.07
N GLN C 241 -15.19 -21.73 -1.07
CA GLN C 241 -14.14 -22.61 -1.61
C GLN C 241 -12.94 -21.80 -2.10
N ASP C 242 -13.16 -20.58 -2.57
CA ASP C 242 -12.10 -19.74 -3.11
C ASP C 242 -11.12 -19.37 -2.04
N VAL C 243 -11.64 -18.93 -0.90
CA VAL C 243 -10.81 -18.65 0.28
C VAL C 243 -10.18 -19.95 0.80
N ALA C 244 -10.95 -21.02 0.88
CA ALA C 244 -10.39 -22.32 1.29
C ALA C 244 -9.19 -22.75 0.42
N ASN C 245 -9.32 -22.58 -0.91
CA ASN C 245 -8.26 -22.94 -1.84
C ASN C 245 -6.94 -22.26 -1.52
N VAL C 246 -7.02 -20.97 -1.20
CA VAL C 246 -5.84 -20.17 -0.89
C VAL C 246 -5.27 -20.51 0.48
N VAL C 247 -6.13 -20.62 1.49
CA VAL C 247 -5.64 -20.98 2.81
C VAL C 247 -4.87 -22.29 2.71
N GLY C 248 -5.42 -23.25 1.98
CA GLY C 248 -4.85 -24.58 1.80
C GLY C 248 -3.46 -24.58 1.21
N PHE C 249 -3.23 -23.68 0.26
CA PHE C 249 -1.88 -23.45 -0.25
C PHE C 249 -0.97 -22.80 0.80
N LEU C 250 -1.46 -21.74 1.46
CA LEU C 250 -0.64 -21.01 2.44
C LEU C 250 -0.17 -21.92 3.58
N VAL C 251 -1.04 -22.82 4.02
CA VAL C 251 -0.73 -23.72 5.12
C VAL C 251 0.09 -24.95 4.72
N SER C 252 0.37 -25.11 3.43
CA SER C 252 1.11 -26.27 2.94
C SER C 252 2.59 -26.00 3.01
N LYS C 253 3.38 -27.04 2.83
CA LYS C 253 4.83 -26.89 2.68
C LYS C 253 5.19 -25.83 1.63
N GLU C 254 4.49 -25.87 0.50
CA GLU C 254 4.85 -25.07 -0.66
C GLU C 254 4.56 -23.59 -0.48
N GLY C 255 3.68 -23.23 0.46
CA GLY C 255 3.38 -21.83 0.75
C GLY C 255 4.34 -21.13 1.69
N GLU C 256 5.40 -21.79 2.11
CA GLU C 256 6.24 -21.28 3.19
C GLU C 256 6.77 -19.87 2.91
N TRP C 257 7.11 -19.62 1.64
CA TRP C 257 7.76 -18.38 1.29
C TRP C 257 6.80 -17.23 1.19
N VAL C 258 5.50 -17.51 1.24
CA VAL C 258 4.50 -16.44 1.56
C VAL C 258 4.37 -16.37 3.06
N ASN C 259 4.83 -15.25 3.63
CA ASN C 259 4.94 -15.11 5.08
C ASN C 259 4.81 -13.64 5.44
N GLY C 260 4.02 -13.36 6.48
CA GLY C 260 3.77 -11.97 6.87
C GLY C 260 2.99 -11.13 5.84
N LYS C 261 2.28 -11.81 4.93
CA LYS C 261 1.52 -11.12 3.89
C LYS C 261 0.00 -11.22 4.09
N VAL C 262 -0.69 -10.24 3.53
CA VAL C 262 -2.15 -10.22 3.48
C VAL C 262 -2.56 -10.39 2.03
N LEU C 263 -3.20 -11.50 1.69
CA LEU C 263 -3.65 -11.72 0.34
C LEU C 263 -5.13 -11.34 0.20
N THR C 264 -5.40 -10.38 -0.68
CA THR C 264 -6.75 -9.94 -0.95
C THR C 264 -7.35 -10.87 -1.99
N LEU C 265 -8.50 -11.46 -1.64
CA LEU C 265 -9.14 -12.49 -2.46
C LEU C 265 -10.53 -11.98 -2.89
N ASP C 266 -10.55 -11.24 -3.99
CA ASP C 266 -11.75 -10.62 -4.53
C ASP C 266 -11.90 -10.87 -6.02
N GLY C 267 -11.21 -11.87 -6.53
CA GLY C 267 -11.23 -12.20 -7.94
C GLY C 267 -10.86 -11.06 -8.86
N GLY C 268 -10.08 -10.10 -8.37
CA GLY C 268 -9.61 -8.97 -9.19
C GLY C 268 -10.50 -7.73 -9.18
N ALA C 269 -11.40 -7.63 -8.18
CA ALA C 269 -12.28 -6.43 -8.07
C ALA C 269 -11.49 -5.16 -7.83
N ALA C 270 -10.61 -5.20 -6.83
CA ALA C 270 -9.71 -4.08 -6.57
C ALA C 270 -8.99 -3.78 -7.90
N THR D 10 0.83 40.36 0.28
CA THR D 10 1.72 39.18 0.53
C THR D 10 0.86 38.02 1.03
N TYR D 11 0.67 37.03 0.16
CA TYR D 11 -0.04 35.83 0.56
C TYR D 11 0.74 35.12 1.67
N ILE D 12 0.05 34.78 2.76
CA ILE D 12 0.62 34.00 3.84
C ILE D 12 -0.18 32.68 3.92
N PRO D 13 0.43 31.55 3.48
CA PRO D 13 -0.34 30.32 3.43
C PRO D 13 -0.63 29.70 4.78
N GLY D 14 -1.70 28.94 4.85
CA GLY D 14 -1.74 27.91 5.83
C GLY D 14 -2.11 28.40 7.20
N ARG D 15 -2.71 29.58 7.32
CA ARG D 15 -3.07 30.10 8.65
C ARG D 15 -4.45 29.64 9.11
N LEU D 16 -4.69 29.77 10.41
CA LEU D 16 -5.90 29.24 11.03
C LEU D 16 -6.64 30.34 11.80
N ASP D 17 -6.48 31.59 11.37
CA ASP D 17 -7.08 32.71 12.08
C ASP D 17 -8.59 32.52 12.15
N GLY D 18 -9.16 32.68 13.33
CA GLY D 18 -10.61 32.56 13.53
C GLY D 18 -11.07 31.15 13.86
N LYS D 19 -10.14 30.19 13.74
CA LYS D 19 -10.45 28.79 14.00
C LYS D 19 -10.17 28.41 15.44
N VAL D 20 -10.85 27.36 15.89
CA VAL D 20 -10.65 26.81 17.21
C VAL D 20 -10.27 25.35 17.01
N ALA D 21 -9.14 24.94 17.61
CA ALA D 21 -8.66 23.56 17.50
C ALA D 21 -8.61 22.89 18.87
N LEU D 22 -8.72 21.56 18.88
CA LEU D 22 -8.54 20.76 20.07
C LEU D 22 -7.46 19.69 19.77
N VAL D 23 -6.53 19.50 20.69
CA VAL D 23 -5.49 18.50 20.53
C VAL D 23 -5.48 17.61 21.78
N THR D 24 -5.72 16.32 21.60
CA THR D 24 -5.65 15.36 22.71
C THR D 24 -4.20 15.09 23.09
N GLY D 25 -3.96 14.95 24.39
CA GLY D 25 -2.61 14.72 24.92
C GLY D 25 -1.59 15.75 24.47
N SER D 26 -1.95 17.03 24.56
CA SER D 26 -1.05 18.10 24.10
C SER D 26 -0.31 18.78 25.25
N GLY D 27 -0.24 18.12 26.39
CA GLY D 27 0.57 18.59 27.51
C GLY D 27 2.06 18.39 27.22
N ARG D 28 2.41 17.41 26.40
CA ARG D 28 3.82 17.13 26.12
C ARG D 28 4.02 16.38 24.81
N GLY D 29 5.29 16.18 24.44
CA GLY D 29 5.64 15.42 23.24
C GLY D 29 5.11 16.07 21.99
N ILE D 30 4.71 15.26 21.03
CA ILE D 30 4.25 15.74 19.74
C ILE D 30 3.04 16.65 19.91
N GLY D 31 2.06 16.19 20.69
CA GLY D 31 0.86 16.96 20.94
C GLY D 31 1.14 18.39 21.37
N ALA D 32 2.10 18.57 22.28
CA ALA D 32 2.43 19.91 22.77
C ALA D 32 2.94 20.78 21.62
N ALA D 33 3.82 20.23 20.78
CA ALA D 33 4.30 20.97 19.62
C ALA D 33 3.13 21.27 18.66
N VAL D 34 2.21 20.34 18.47
CA VAL D 34 1.07 20.58 17.57
C VAL D 34 0.21 21.74 18.10
N ALA D 35 -0.10 21.69 19.39
CA ALA D 35 -0.96 22.70 20.01
C ALA D 35 -0.37 24.10 19.89
N VAL D 36 0.88 24.24 20.26
CA VAL D 36 1.55 25.52 20.15
C VAL D 36 1.54 26.01 18.69
N HIS D 37 1.83 25.11 17.77
CA HIS D 37 1.90 25.47 16.35
C HIS D 37 0.57 25.87 15.78
N LEU D 38 -0.51 25.21 16.18
CA LEU D 38 -1.84 25.62 15.74
C LEU D 38 -2.15 27.02 16.27
N GLY D 39 -1.70 27.31 17.49
CA GLY D 39 -1.77 28.65 18.05
C GLY D 39 -0.96 29.66 17.25
N ARG D 40 0.28 29.31 16.94
CA ARG D 40 1.12 30.18 16.12
C ARG D 40 0.45 30.48 14.77
N LEU D 41 -0.26 29.49 14.20
CA LEU D 41 -0.94 29.70 12.93
C LEU D 41 -2.23 30.50 13.08
N GLY D 42 -2.63 30.76 14.32
CA GLY D 42 -3.71 31.72 14.60
C GLY D 42 -4.90 31.11 15.30
N ALA D 43 -4.93 29.79 15.45
CA ALA D 43 -6.07 29.13 16.07
C ALA D 43 -6.07 29.36 17.56
N LYS D 44 -7.28 29.37 18.13
CA LYS D 44 -7.44 29.25 19.57
C LYS D 44 -7.38 27.74 19.87
N VAL D 45 -6.76 27.34 20.98
CA VAL D 45 -6.51 25.91 21.22
C VAL D 45 -7.02 25.39 22.55
N VAL D 46 -7.68 24.25 22.49
CA VAL D 46 -8.00 23.48 23.67
C VAL D 46 -6.89 22.45 23.85
N VAL D 47 -6.20 22.52 24.98
CA VAL D 47 -5.12 21.63 25.31
C VAL D 47 -5.62 20.53 26.25
N ASN D 48 -5.82 19.34 25.70
CA ASN D 48 -6.26 18.22 26.53
C ASN D 48 -5.09 17.45 27.13
N TYR D 49 -5.30 17.01 28.37
CA TYR D 49 -4.35 16.17 29.06
C TYR D 49 -5.09 15.19 29.91
N ALA D 50 -4.38 14.17 30.36
CA ALA D 50 -4.93 13.19 31.30
C ALA D 50 -4.24 13.27 32.69
N ASN D 51 -2.93 13.54 32.73
CA ASN D 51 -2.14 13.61 33.98
C ASN D 51 -1.22 14.82 34.09
N SER D 52 -0.67 15.27 32.97
CA SER D 52 0.37 16.29 32.94
C SER D 52 -0.19 17.72 33.10
N THR D 53 -0.75 18.03 34.26
CA THR D 53 -1.40 19.33 34.48
C THR D 53 -0.43 20.49 34.30
N LYS D 54 0.72 20.40 34.94
CA LYS D 54 1.72 21.45 34.87
C LYS D 54 2.18 21.66 33.44
N ASP D 55 2.45 20.57 32.73
CA ASP D 55 2.89 20.69 31.34
C ASP D 55 1.80 21.29 30.46
N ALA D 56 0.55 20.86 30.67
CA ALA D 56 -0.59 21.40 29.94
C ALA D 56 -0.70 22.92 30.12
N GLU D 57 -0.45 23.40 31.34
CA GLU D 57 -0.49 24.83 31.61
C GLU D 57 0.65 25.59 30.96
N LYS D 58 1.83 24.97 30.87
CA LYS D 58 2.93 25.58 30.13
C LYS D 58 2.55 25.75 28.66
N VAL D 59 1.94 24.73 28.07
CA VAL D 59 1.53 24.82 26.69
C VAL D 59 0.49 25.96 26.50
N VAL D 60 -0.51 26.02 27.38
CA VAL D 60 -1.51 27.10 27.36
C VAL D 60 -0.81 28.46 27.37
N SER D 61 0.13 28.64 28.31
CA SER D 61 0.90 29.89 28.42
C SER D 61 1.65 30.27 27.16
N GLU D 62 2.34 29.31 26.55
CA GLU D 62 3.07 29.54 25.34
C GLU D 62 2.12 30.08 24.28
N ILE D 63 0.94 29.48 24.18
CA ILE D 63 -0.04 29.84 23.16
C ILE D 63 -0.54 31.26 23.40
N LYS D 64 -0.77 31.62 24.66
CA LYS D 64 -1.15 33.00 25.01
C LYS D 64 -0.03 33.99 24.71
N ALA D 65 1.18 33.60 25.07
CA ALA D 65 2.35 34.44 24.86
C ALA D 65 2.58 34.72 23.36
N LEU D 66 2.37 33.75 22.49
CA LEU D 66 2.48 34.04 21.06
C LEU D 66 1.22 34.76 20.47
N GLY D 67 0.28 35.16 21.32
CA GLY D 67 -0.79 36.08 20.89
C GLY D 67 -2.14 35.44 20.60
N SER D 68 -2.27 34.15 20.86
CA SER D 68 -3.55 33.49 20.69
C SER D 68 -4.11 33.11 22.05
N ASP D 69 -5.18 32.32 22.09
CA ASP D 69 -5.82 31.96 23.35
C ASP D 69 -5.90 30.45 23.48
N ALA D 70 -5.98 29.97 24.73
CA ALA D 70 -6.05 28.54 24.98
C ALA D 70 -6.59 28.21 26.37
N ILE D 71 -7.01 26.97 26.55
CA ILE D 71 -7.41 26.46 27.87
C ILE D 71 -6.95 25.02 27.95
N ALA D 72 -6.62 24.62 29.18
CA ALA D 72 -6.27 23.23 29.49
C ALA D 72 -7.55 22.55 29.97
N ILE D 73 -7.87 21.39 29.38
CA ILE D 73 -9.00 20.59 29.86
C ILE D 73 -8.61 19.12 30.07
N LYS D 74 -8.75 18.66 31.31
CA LYS D 74 -8.43 17.31 31.69
C LYS D 74 -9.51 16.35 31.18
N ALA D 75 -9.11 15.27 30.54
CA ALA D 75 -10.05 14.20 30.18
C ALA D 75 -9.27 12.95 29.80
N ASP D 76 -9.66 11.82 30.37
CA ASP D 76 -9.05 10.54 30.08
C ASP D 76 -9.66 10.03 28.77
N ILE D 77 -8.90 10.08 27.69
CA ILE D 77 -9.45 9.68 26.37
C ILE D 77 -9.86 8.19 26.30
N ARG D 78 -9.50 7.37 27.28
CA ARG D 78 -9.97 5.99 27.33
C ARG D 78 -11.47 5.92 27.66
N GLN D 79 -11.96 6.95 28.34
CA GLN D 79 -13.35 7.01 28.77
C GLN D 79 -14.18 7.79 27.80
N VAL D 80 -14.97 7.10 27.00
CA VAL D 80 -15.82 7.75 26.03
C VAL D 80 -16.70 8.85 26.68
N PRO D 81 -17.26 8.60 27.87
CA PRO D 81 -18.05 9.70 28.45
C PRO D 81 -17.22 10.95 28.74
N GLU D 82 -15.93 10.78 29.03
CA GLU D 82 -15.04 11.93 29.23
C GLU D 82 -14.68 12.61 27.92
N ILE D 83 -14.69 11.85 26.82
CA ILE D 83 -14.46 12.45 25.50
C ILE D 83 -15.64 13.34 25.13
N VAL D 84 -16.86 12.87 25.39
CA VAL D 84 -18.08 13.67 25.16
C VAL D 84 -17.97 15.00 25.93
N LYS D 85 -17.71 14.92 27.23
CA LYS D 85 -17.54 16.09 28.11
C LYS D 85 -16.41 17.02 27.66
N LEU D 86 -15.27 16.45 27.29
CA LEU D 86 -14.16 17.25 26.76
C LEU D 86 -14.63 18.13 25.61
N PHE D 87 -15.38 17.55 24.67
CA PHE D 87 -15.84 18.28 23.50
C PHE D 87 -16.89 19.32 23.82
N ASP D 88 -17.82 18.95 24.69
CA ASP D 88 -18.82 19.89 25.18
C ASP D 88 -18.17 21.10 25.86
N GLN D 89 -17.18 20.86 26.72
CA GLN D 89 -16.48 21.95 27.39
C GLN D 89 -15.68 22.82 26.41
N ALA D 90 -15.13 22.20 25.36
CA ALA D 90 -14.44 22.93 24.30
C ALA D 90 -15.37 23.95 23.66
N VAL D 91 -16.52 23.46 23.19
CA VAL D 91 -17.49 24.31 22.50
C VAL D 91 -18.06 25.36 23.46
N ALA D 92 -18.29 24.99 24.71
CA ALA D 92 -18.83 25.93 25.70
C ALA D 92 -17.87 27.08 25.96
N HIS D 93 -16.58 26.78 25.96
CA HIS D 93 -15.58 27.80 26.26
C HIS D 93 -15.37 28.75 25.12
N PHE D 94 -15.17 28.20 23.93
CA PHE D 94 -14.79 29.01 22.80
C PHE D 94 -15.94 29.29 21.84
N GLY D 95 -17.06 28.60 21.99
CA GLY D 95 -18.27 28.88 21.20
C GLY D 95 -18.48 27.90 20.06
N HIS D 96 -17.38 27.44 19.48
CA HIS D 96 -17.42 26.49 18.39
C HIS D 96 -16.13 25.76 18.30
N LEU D 97 -16.07 24.76 17.45
CA LEU D 97 -14.86 23.95 17.29
C LEU D 97 -14.70 23.59 15.83
N ASP D 98 -13.51 23.83 15.28
CA ASP D 98 -13.27 23.57 13.85
C ASP D 98 -12.34 22.39 13.62
N ILE D 99 -11.39 22.19 14.55
CA ILE D 99 -10.27 21.29 14.32
C ILE D 99 -10.11 20.38 15.53
N ALA D 100 -9.98 19.08 15.27
CA ALA D 100 -9.72 18.13 16.32
C ALA D 100 -8.55 17.23 15.91
N VAL D 101 -7.44 17.32 16.65
CA VAL D 101 -6.28 16.51 16.41
C VAL D 101 -6.24 15.49 17.50
N SER D 102 -6.30 14.22 17.11
CA SER D 102 -6.26 13.10 18.03
C SER D 102 -4.83 12.62 18.02
N ASN D 103 -4.17 12.81 19.14
CA ASN D 103 -2.73 12.57 19.30
C ASN D 103 -2.40 11.59 20.42
N SER D 104 -3.21 11.57 21.47
CA SER D 104 -2.95 10.66 22.60
C SER D 104 -2.68 9.22 22.17
N GLY D 105 -1.67 8.64 22.78
CA GLY D 105 -1.27 7.28 22.46
C GLY D 105 -0.20 6.80 23.39
N VAL D 106 -0.09 5.48 23.51
CA VAL D 106 0.98 4.86 24.27
C VAL D 106 1.60 3.79 23.42
N VAL D 107 2.85 3.47 23.73
CA VAL D 107 3.61 2.50 22.94
C VAL D 107 3.79 1.23 23.76
N SER D 108 4.08 0.11 23.12
CA SER D 108 4.22 -1.16 23.84
C SER D 108 5.16 -2.06 23.08
N PHE D 109 5.81 -2.97 23.80
CA PHE D 109 6.67 -3.98 23.20
C PHE D 109 6.57 -5.28 23.91
N GLY D 110 6.59 -6.36 23.13
CA GLY D 110 6.52 -7.68 23.68
C GLY D 110 6.31 -8.68 22.55
N HIS D 111 6.90 -9.85 22.70
CA HIS D 111 6.70 -10.92 21.78
C HIS D 111 5.28 -11.39 21.94
N LEU D 112 4.61 -11.61 20.82
CA LEU D 112 3.26 -12.15 20.79
C LEU D 112 2.98 -13.10 21.96
N LYS D 113 3.86 -14.06 22.18
CA LYS D 113 3.64 -15.10 23.18
C LYS D 113 3.42 -14.60 24.60
N ASP D 114 3.93 -13.40 24.90
CA ASP D 114 3.86 -12.82 26.24
C ASP D 114 2.86 -11.67 26.39
N VAL D 115 2.16 -11.30 25.32
CA VAL D 115 1.21 -10.21 25.40
C VAL D 115 -0.04 -10.65 26.15
N THR D 116 -0.45 -9.84 27.12
CA THR D 116 -1.57 -10.17 27.99
C THR D 116 -2.83 -9.41 27.56
N GLU D 117 -3.96 -9.89 28.06
CA GLU D 117 -5.26 -9.22 27.85
C GLU D 117 -5.18 -7.75 28.28
N GLU D 118 -4.60 -7.54 29.47
CA GLU D 118 -4.54 -6.20 30.06
C GLU D 118 -3.68 -5.26 29.23
N GLU D 119 -2.58 -5.78 28.69
CA GLU D 119 -1.70 -4.98 27.86
C GLU D 119 -2.36 -4.66 26.52
N PHE D 120 -3.01 -5.66 25.89
CA PHE D 120 -3.83 -5.39 24.70
C PHE D 120 -4.83 -4.26 25.00
N ASP D 121 -5.57 -4.40 26.09
CA ASP D 121 -6.60 -3.43 26.42
C ASP D 121 -5.98 -2.06 26.72
N ARG D 122 -4.89 -2.02 27.47
CA ARG D 122 -4.23 -0.76 27.80
C ARG D 122 -3.93 0.03 26.52
N VAL D 123 -3.40 -0.66 25.53
CA VAL D 123 -2.94 -0.02 24.33
C VAL D 123 -4.07 0.32 23.36
N PHE D 124 -4.92 -0.66 23.04
CA PHE D 124 -6.05 -0.42 22.15
C PHE D 124 -7.11 0.57 22.71
N SER D 125 -7.36 0.55 24.01
CA SER D 125 -8.36 1.43 24.58
C SER D 125 -8.07 2.90 24.27
N LEU D 126 -6.80 3.27 24.18
CA LEU D 126 -6.42 4.64 23.91
C LEU D 126 -6.10 4.86 22.43
N ASN D 127 -5.24 4.02 21.89
CA ASN D 127 -4.71 4.21 20.56
C ASN D 127 -5.74 4.05 19.46
N THR D 128 -6.73 3.19 19.68
CA THR D 128 -7.66 2.79 18.61
C THR D 128 -9.11 3.14 19.02
N ARG D 129 -9.57 2.57 20.13
CA ARG D 129 -10.88 2.84 20.65
C ARG D 129 -11.07 4.31 20.96
N GLY D 130 -10.13 4.85 21.74
CA GLY D 130 -10.18 6.26 22.12
C GLY D 130 -10.14 7.18 20.91
N GLN D 131 -9.22 6.92 20.01
CA GLN D 131 -9.15 7.73 18.78
C GLN D 131 -10.46 7.66 17.98
N PHE D 132 -11.05 6.46 17.94
CA PHE D 132 -12.31 6.28 17.24
C PHE D 132 -13.40 7.23 17.78
N PHE D 133 -13.52 7.28 19.10
CA PHE D 133 -14.58 8.07 19.69
C PHE D 133 -14.23 9.55 19.85
N VAL D 134 -12.94 9.88 19.81
CA VAL D 134 -12.54 11.27 19.60
C VAL D 134 -13.05 11.72 18.22
N ALA D 135 -12.85 10.87 17.21
CA ALA D 135 -13.37 11.15 15.86
C ALA D 135 -14.90 11.37 15.90
N ARG D 136 -15.59 10.46 16.57
CA ARG D 136 -17.05 10.53 16.65
C ARG D 136 -17.51 11.83 17.28
N GLU D 137 -16.97 12.16 18.43
CA GLU D 137 -17.32 13.42 19.07
C GLU D 137 -16.88 14.62 18.26
N ALA D 138 -15.72 14.51 17.60
CA ALA D 138 -15.27 15.55 16.66
C ALA D 138 -16.31 15.80 15.58
N TYR D 139 -16.76 14.74 14.90
CA TYR D 139 -17.80 14.91 13.89
C TYR D 139 -19.04 15.60 14.46
N ARG D 140 -19.51 15.12 15.60
CA ARG D 140 -20.75 15.66 16.18
C ARG D 140 -20.64 17.16 16.53
N HIS D 141 -19.47 17.60 17.00
CA HIS D 141 -19.30 18.97 17.52
C HIS D 141 -18.72 19.96 16.55
N LEU D 142 -18.05 19.47 15.53
CA LEU D 142 -17.36 20.37 14.62
C LEU D 142 -18.32 21.21 13.80
N THR D 143 -17.90 22.43 13.49
CA THR D 143 -18.54 23.26 12.49
C THR D 143 -18.25 22.68 11.11
N GLU D 144 -19.17 22.91 10.19
CA GLU D 144 -19.03 22.47 8.83
C GLU D 144 -17.70 23.01 8.27
N GLY D 145 -17.01 22.21 7.47
CA GLY D 145 -15.77 22.62 6.85
C GLY D 145 -14.56 22.38 7.72
N GLY D 146 -14.78 21.66 8.82
CA GLY D 146 -13.75 21.40 9.80
C GLY D 146 -12.75 20.31 9.43
N ARG D 147 -11.97 19.89 10.41
CA ARG D 147 -10.82 19.03 10.18
C ARG D 147 -10.60 18.09 11.32
N ILE D 148 -10.41 16.81 10.99
CA ILE D 148 -10.05 15.80 11.98
C ILE D 148 -8.75 15.17 11.52
N VAL D 149 -7.81 15.04 12.44
CA VAL D 149 -6.57 14.33 12.16
C VAL D 149 -6.29 13.38 13.33
N LEU D 150 -6.08 12.11 12.98
CA LEU D 150 -5.69 11.08 13.95
C LEU D 150 -4.22 10.79 13.80
N THR D 151 -3.69 10.03 14.73
CA THR D 151 -2.27 9.72 14.72
C THR D 151 -2.07 8.22 14.58
N SER D 152 -1.36 7.85 13.53
CA SER D 152 -0.96 6.48 13.31
C SER D 152 0.53 6.37 13.66
N SER D 153 1.28 5.60 12.87
CA SER D 153 2.68 5.34 13.14
C SER D 153 3.28 4.77 11.88
N ASN D 154 4.58 4.96 11.67
CA ASN D 154 5.25 4.34 10.54
C ASN D 154 5.29 2.83 10.67
N THR D 155 5.09 2.34 11.89
CA THR D 155 5.16 0.89 12.15
C THR D 155 3.86 0.16 11.82
N SER D 156 2.84 0.92 11.45
CA SER D 156 1.56 0.37 11.04
C SER D 156 1.68 -0.39 9.74
N LYS D 157 2.40 0.20 8.80
CA LYS D 157 2.63 -0.39 7.48
C LYS D 157 4.08 -0.40 7.03
N ASP D 158 4.78 0.71 7.24
CA ASP D 158 6.05 0.97 6.49
C ASP D 158 7.28 0.37 7.12
N PHE D 159 7.21 0.10 8.41
CA PHE D 159 8.38 -0.29 9.19
C PHE D 159 7.97 -1.48 10.07
N SER D 160 8.76 -2.55 10.01
CA SER D 160 8.41 -3.81 10.67
C SER D 160 9.38 -4.12 11.76
N VAL D 161 8.92 -4.06 13.01
CA VAL D 161 9.81 -4.22 14.16
C VAL D 161 9.41 -5.43 14.95
N PRO D 162 10.36 -6.32 15.25
CA PRO D 162 10.01 -7.46 16.09
C PRO D 162 9.42 -7.03 17.41
N LYS D 163 8.53 -7.86 17.95
CA LYS D 163 7.93 -7.63 19.28
C LYS D 163 7.06 -6.35 19.37
N HIS D 164 6.55 -5.92 18.22
CA HIS D 164 5.82 -4.69 18.12
C HIS D 164 4.45 -4.89 17.51
N SER D 165 3.91 -6.11 17.62
CA SER D 165 2.66 -6.44 16.90
C SER D 165 1.47 -5.66 17.44
N LEU D 166 1.36 -5.59 18.76
CA LEU D 166 0.23 -4.93 19.38
C LEU D 166 0.13 -3.48 18.95
N TYR D 167 1.22 -2.74 19.10
CA TYR D 167 1.20 -1.31 18.81
C TYR D 167 0.93 -1.12 17.34
N SER D 168 1.65 -1.86 16.51
CA SER D 168 1.52 -1.73 15.06
C SER D 168 0.08 -1.92 14.62
N GLY D 169 -0.57 -2.92 15.18
CA GLY D 169 -1.98 -3.16 14.93
C GLY D 169 -2.89 -2.05 15.40
N SER D 170 -2.60 -1.51 16.58
CA SER D 170 -3.42 -0.46 17.16
C SER D 170 -3.48 0.74 16.22
N LYS D 171 -2.39 0.96 15.48
CA LYS D 171 -2.33 2.07 14.55
C LYS D 171 -2.75 1.66 13.13
N GLY D 172 -2.69 0.37 12.83
CA GLY D 172 -3.20 -0.13 11.56
C GLY D 172 -4.70 0.08 11.47
N ALA D 173 -5.39 -0.10 12.57
CA ALA D 173 -6.82 0.17 12.60
C ALA D 173 -7.09 1.64 12.31
N VAL D 174 -6.23 2.52 12.81
CA VAL D 174 -6.44 3.96 12.62
C VAL D 174 -6.30 4.33 11.15
N ASP D 175 -5.35 3.72 10.45
CA ASP D 175 -5.18 3.93 9.02
C ASP D 175 -6.48 3.63 8.30
N SER D 176 -7.07 2.47 8.57
CA SER D 176 -8.36 2.08 7.97
C SER D 176 -9.46 3.05 8.37
N PHE D 177 -9.57 3.36 9.67
CA PHE D 177 -10.61 4.27 10.17
C PHE D 177 -10.65 5.55 9.33
N VAL D 178 -9.51 6.20 9.15
CA VAL D 178 -9.54 7.55 8.62
C VAL D 178 -10.01 7.53 7.19
N ARG D 179 -9.67 6.50 6.45
CA ARG D 179 -10.13 6.37 5.05
C ARG D 179 -11.65 6.31 4.94
N ILE D 180 -12.29 5.59 5.86
CA ILE D 180 -13.75 5.48 5.83
C ILE D 180 -14.41 6.66 6.57
N PHE D 181 -13.75 7.18 7.59
CA PHE D 181 -14.27 8.35 8.28
C PHE D 181 -14.47 9.47 7.28
N SER D 182 -13.57 9.57 6.31
CA SER D 182 -13.67 10.65 5.33
C SER D 182 -14.97 10.56 4.58
N LYS D 183 -15.50 9.37 4.36
CA LYS D 183 -16.75 9.22 3.61
C LYS D 183 -17.94 9.72 4.41
N ASP D 184 -18.02 9.27 5.66
CA ASP D 184 -19.06 9.71 6.58
C ASP D 184 -18.99 11.20 6.90
N CYS D 185 -17.78 11.69 7.17
CA CYS D 185 -17.57 13.08 7.60
C CYS D 185 -17.76 14.11 6.48
N GLY D 186 -17.77 13.63 5.25
CA GLY D 186 -18.04 14.46 4.10
C GLY D 186 -19.38 15.13 4.13
N ASP D 187 -20.36 14.56 4.82
CA ASP D 187 -21.69 15.20 4.84
C ASP D 187 -21.72 16.49 5.65
N LYS D 188 -20.67 16.75 6.45
CA LYS D 188 -20.45 18.05 7.08
C LYS D 188 -19.22 18.73 6.49
N LYS D 189 -18.76 18.24 5.34
CA LYS D 189 -17.56 18.74 4.68
C LYS D 189 -16.34 18.80 5.61
N ILE D 190 -16.20 17.78 6.43
CA ILE D 190 -15.07 17.66 7.33
C ILE D 190 -14.11 16.67 6.71
N THR D 191 -12.84 17.04 6.59
CA THR D 191 -11.85 16.10 6.06
C THR D 191 -11.27 15.35 7.22
N VAL D 192 -10.82 14.14 6.96
CA VAL D 192 -10.25 13.28 7.98
C VAL D 192 -8.98 12.59 7.47
N ASN D 193 -7.87 12.77 8.21
CA ASN D 193 -6.58 12.19 7.85
C ASN D 193 -5.85 11.68 9.06
N ALA D 194 -4.72 11.01 8.84
CA ALA D 194 -3.83 10.68 9.93
C ALA D 194 -2.43 10.98 9.57
N VAL D 195 -1.63 11.29 10.59
CA VAL D 195 -0.21 11.41 10.41
C VAL D 195 0.40 10.19 11.05
N ALA D 196 1.43 9.63 10.42
CA ALA D 196 2.08 8.42 10.88
C ALA D 196 3.54 8.75 11.08
N PRO D 197 3.88 9.30 12.24
CA PRO D 197 5.29 9.62 12.46
C PRO D 197 6.19 8.39 12.56
N GLY D 198 7.45 8.57 12.20
CA GLY D 198 8.49 7.64 12.56
C GLY D 198 9.13 8.14 13.84
N GLY D 199 10.35 7.68 14.10
CA GLY D 199 11.06 8.06 15.30
C GLY D 199 11.09 9.57 15.44
N THR D 200 10.35 10.09 16.42
CA THR D 200 10.28 11.51 16.71
C THR D 200 10.73 11.70 18.15
N VAL D 201 11.74 12.55 18.35
CA VAL D 201 12.40 12.66 19.64
C VAL D 201 11.50 13.34 20.68
N THR D 202 10.97 12.55 21.60
CA THR D 202 10.25 13.06 22.75
C THR D 202 10.81 12.29 23.94
N ASP D 203 10.34 12.58 25.15
CA ASP D 203 10.76 11.79 26.31
C ASP D 203 10.41 10.31 26.14
N MET D 204 9.24 10.03 25.60
CA MET D 204 8.86 8.64 25.33
C MET D 204 9.78 7.95 24.31
N PHE D 205 10.32 8.71 23.36
CA PHE D 205 11.25 8.16 22.34
C PHE D 205 12.40 7.48 23.04
N HIS D 206 12.99 8.21 24.00
CA HIS D 206 14.13 7.73 24.72
C HIS D 206 13.79 6.52 25.53
N GLU D 207 12.62 6.50 26.10
CA GLU D 207 12.16 5.34 26.85
C GLU D 207 12.18 4.03 26.03
N VAL D 208 11.88 4.08 24.73
CA VAL D 208 11.71 2.86 23.90
C VAL D 208 12.64 2.73 22.68
N SER D 209 13.55 3.66 22.48
CA SER D 209 14.45 3.58 21.32
C SER D 209 15.30 2.28 21.29
N HIS D 210 15.60 1.72 22.45
CA HIS D 210 16.38 0.48 22.49
C HIS D 210 15.65 -0.74 21.96
N HIS D 211 14.32 -0.64 21.81
CA HIS D 211 13.52 -1.71 21.22
C HIS D 211 13.60 -1.65 19.71
N TYR D 212 13.68 -0.44 19.14
CA TYR D 212 13.72 -0.28 17.68
C TYR D 212 15.07 -0.60 17.02
N ILE D 213 16.11 -0.82 17.82
CA ILE D 213 17.49 -0.99 17.31
C ILE D 213 18.16 -2.29 17.74
N PRO D 214 18.68 -3.11 16.78
CA PRO D 214 19.44 -4.32 17.11
C PRO D 214 20.47 -4.07 18.19
N ASN D 215 20.46 -4.90 19.23
CA ASN D 215 21.36 -4.78 20.35
C ASN D 215 21.21 -3.43 21.11
N GLY D 216 20.05 -2.78 21.02
CA GLY D 216 19.83 -1.42 21.57
C GLY D 216 20.19 -1.22 23.03
N THR D 217 19.99 -2.24 23.84
CA THR D 217 20.25 -2.15 25.27
C THR D 217 21.73 -1.86 25.56
N SER D 218 22.62 -2.21 24.64
CA SER D 218 24.06 -1.96 24.85
C SER D 218 24.62 -0.68 24.17
N TYR D 219 23.75 0.26 23.82
CA TYR D 219 24.16 1.59 23.36
C TYR D 219 23.60 2.63 24.32
N THR D 220 24.25 3.79 24.38
CA THR D 220 23.74 4.94 25.12
C THR D 220 22.46 5.50 24.47
N ALA D 221 21.66 6.26 25.23
CA ALA D 221 20.48 6.92 24.68
C ALA D 221 20.89 7.88 23.56
N GLU D 222 21.94 8.64 23.81
CA GLU D 222 22.58 9.50 22.81
C GLU D 222 22.90 8.75 21.50
N GLN D 223 23.63 7.64 21.62
CA GLN D 223 23.97 6.79 20.47
C GLN D 223 22.75 6.23 19.73
N ARG D 224 21.73 5.81 20.48
CA ARG D 224 20.51 5.32 19.88
C ARG D 224 19.83 6.41 19.05
N GLN D 225 19.80 7.65 19.56
CA GLN D 225 19.21 8.77 18.87
C GLN D 225 19.94 9.03 17.56
N GLN D 226 21.27 9.03 17.62
CA GLN D 226 22.10 9.24 16.42
C GLN D 226 21.81 8.14 15.40
N MET D 227 21.72 6.90 15.87
CA MET D 227 21.41 5.79 14.98
C MET D 227 20.06 5.94 14.32
N ALA D 228 19.07 6.40 15.08
CA ALA D 228 17.76 6.68 14.51
C ALA D 228 17.80 7.88 13.53
N ALA D 229 18.72 8.81 13.75
CA ALA D 229 18.91 9.94 12.84
C ALA D 229 19.34 9.44 11.48
N HIS D 230 20.20 8.41 11.45
CA HIS D 230 20.72 7.90 10.19
C HIS D 230 19.74 7.04 9.44
N ALA D 231 18.58 6.75 10.02
CA ALA D 231 17.53 6.02 9.30
C ALA D 231 16.98 6.88 8.16
N SER D 232 16.87 8.19 8.41
CA SER D 232 16.49 9.09 7.35
C SER D 232 17.68 9.38 6.48
N PRO D 233 17.47 9.45 5.17
CA PRO D 233 18.54 9.90 4.28
C PRO D 233 18.90 11.38 4.43
N LEU D 234 18.15 12.13 5.23
CA LEU D 234 18.54 13.50 5.58
C LEU D 234 19.47 13.53 6.79
N HIS D 235 19.76 12.36 7.37
CA HIS D 235 20.65 12.19 8.54
C HIS D 235 20.34 13.12 9.69
N ARG D 236 19.10 13.15 10.10
CA ARG D 236 18.71 13.86 11.31
C ARG D 236 17.50 13.16 11.86
N ASN D 237 17.23 13.38 13.14
CA ASN D 237 16.04 12.81 13.75
C ASN D 237 14.81 13.59 13.35
N GLY D 238 13.65 12.95 13.46
CA GLY D 238 12.39 13.67 13.41
C GLY D 238 12.17 14.39 14.74
N TRP D 239 11.52 15.55 14.69
CA TRP D 239 11.18 16.29 15.90
C TRP D 239 9.71 16.57 15.96
N PRO D 240 9.19 16.92 17.14
CA PRO D 240 7.76 17.23 17.22
C PRO D 240 7.35 18.33 16.23
N GLN D 241 8.18 19.35 16.05
CA GLN D 241 7.84 20.41 15.11
C GLN D 241 7.55 19.87 13.68
N ASP D 242 8.22 18.78 13.28
CA ASP D 242 8.04 18.20 11.97
C ASP D 242 6.63 17.67 11.78
N VAL D 243 6.13 16.94 12.77
CA VAL D 243 4.76 16.49 12.74
C VAL D 243 3.82 17.69 12.84
N ALA D 244 4.12 18.63 13.73
CA ALA D 244 3.29 19.85 13.85
C ALA D 244 3.16 20.54 12.51
N ASN D 245 4.25 20.68 11.78
CA ASN D 245 4.25 21.36 10.48
C ASN D 245 3.22 20.75 9.54
N VAL D 246 3.17 19.42 9.52
CA VAL D 246 2.27 18.70 8.62
C VAL D 246 0.82 18.76 9.10
N VAL D 247 0.60 18.53 10.37
CA VAL D 247 -0.75 18.63 10.91
C VAL D 247 -1.33 20.00 10.60
N GLY D 248 -0.53 21.03 10.82
CA GLY D 248 -0.92 22.40 10.55
C GLY D 248 -1.38 22.63 9.11
N PHE D 249 -0.68 22.04 8.15
CA PHE D 249 -1.11 22.11 6.77
C PHE D 249 -2.43 21.36 6.53
N LEU D 250 -2.54 20.16 7.08
CA LEU D 250 -3.71 19.32 6.84
C LEU D 250 -4.98 19.99 7.36
N VAL D 251 -4.86 20.65 8.51
CA VAL D 251 -6.01 21.32 9.11
C VAL D 251 -6.32 22.70 8.51
N SER D 252 -5.53 23.15 7.56
CA SER D 252 -5.74 24.47 6.97
C SER D 252 -6.64 24.38 5.79
N LYS D 253 -7.10 25.53 5.29
CA LYS D 253 -7.85 25.60 4.05
C LYS D 253 -7.16 24.81 2.94
N GLU D 254 -5.86 25.00 2.82
CA GLU D 254 -5.10 24.54 1.69
C GLU D 254 -4.93 23.01 1.67
N GLY D 255 -5.09 22.37 2.82
CA GLY D 255 -4.99 20.92 2.90
C GLY D 255 -6.25 20.14 2.57
N GLU D 256 -7.30 20.83 2.13
CA GLU D 256 -8.62 20.20 2.02
C GLU D 256 -8.60 19.00 1.11
N TRP D 257 -7.83 19.07 0.04
CA TRP D 257 -7.84 18.01 -0.95
C TRP D 257 -7.04 16.81 -0.54
N VAL D 258 -6.31 16.92 0.57
CA VAL D 258 -5.80 15.74 1.25
C VAL D 258 -6.87 15.30 2.24
N ASN D 259 -7.47 14.14 1.97
CA ASN D 259 -8.63 13.69 2.72
C ASN D 259 -8.68 12.18 2.70
N GLY D 260 -8.93 11.59 3.85
CA GLY D 260 -8.94 10.12 3.97
C GLY D 260 -7.58 9.46 3.79
N LYS D 261 -6.51 10.23 3.97
CA LYS D 261 -5.16 9.73 3.75
C LYS D 261 -4.35 9.61 5.02
N VAL D 262 -3.35 8.75 4.98
CA VAL D 262 -2.42 8.56 6.10
C VAL D 262 -1.04 8.97 5.63
N LEU D 263 -0.49 10.06 6.16
CA LEU D 263 0.83 10.54 5.74
C LEU D 263 1.91 10.07 6.71
N THR D 264 2.86 9.30 6.21
CA THR D 264 3.98 8.81 6.97
C THR D 264 5.06 9.87 7.02
N LEU D 265 5.44 10.25 8.24
CA LEU D 265 6.36 11.37 8.46
C LEU D 265 7.61 10.85 9.14
N ASP D 266 8.54 10.34 8.33
CA ASP D 266 9.79 9.74 8.80
C ASP D 266 11.04 10.29 8.06
N GLY D 267 10.89 11.45 7.41
CA GLY D 267 11.97 12.07 6.64
C GLY D 267 12.56 11.18 5.56
N GLY D 268 11.78 10.23 5.06
CA GLY D 268 12.24 9.35 3.97
C GLY D 268 12.91 8.05 4.40
N ALA D 269 12.73 7.66 5.66
CA ALA D 269 13.27 6.42 6.16
C ALA D 269 12.67 5.21 5.44
N ALA D 270 11.35 5.19 5.37
CA ALA D 270 10.61 4.07 4.77
C ALA D 270 11.25 3.63 3.46
PA NAP E . 19.00 -14.19 -13.54
O1A NAP E . 19.80 -13.00 -14.01
O2A NAP E . 19.53 -15.29 -12.69
O5B NAP E . 18.27 -14.72 -14.85
C5B NAP E . 17.54 -13.76 -15.61
C4B NAP E . 16.82 -14.40 -16.80
O4B NAP E . 16.43 -13.37 -17.71
C3B NAP E . 17.66 -15.41 -17.59
O3B NAP E . 16.94 -16.64 -17.80
C2B NAP E . 17.92 -14.73 -18.91
O2B NAP E . 18.11 -15.72 -19.92
C1B NAP E . 16.69 -13.83 -19.04
N9A NAP E . 16.90 -12.70 -19.98
C8A NAP E . 17.80 -11.70 -19.87
N7A NAP E . 17.72 -10.86 -20.94
C5A NAP E . 16.76 -11.35 -21.75
C6A NAP E . 16.15 -11.00 -23.04
N6A NAP E . 16.55 -9.91 -23.73
N1A NAP E . 15.17 -11.79 -23.53
C2A NAP E . 14.75 -12.87 -22.87
N3A NAP E . 15.25 -13.24 -21.68
C4A NAP E . 16.24 -12.55 -21.09
O3 NAP E . 17.79 -13.53 -12.75
PN NAP E . 16.67 -14.32 -11.95
O1N NAP E . 16.24 -15.57 -12.65
O2N NAP E . 17.05 -14.27 -10.49
O5D NAP E . 15.49 -13.23 -12.12
C5D NAP E . 14.21 -13.58 -12.67
C4D NAP E . 13.24 -12.41 -12.51
O4D NAP E . 13.05 -12.15 -11.13
C3D NAP E . 13.75 -11.08 -13.10
O3D NAP E . 12.70 -10.51 -13.87
C2D NAP E . 14.10 -10.24 -11.89
O2D NAP E . 13.89 -8.85 -12.12
C1D NAP E . 13.23 -10.78 -10.78
N1N NAP E . 13.80 -10.69 -9.41
C2N NAP E . 14.84 -11.46 -9.03
C3N NAP E . 15.40 -11.36 -7.76
C7N NAP E . 16.54 -12.22 -7.33
O7N NAP E . 16.92 -12.16 -6.17
N7N NAP E . 17.08 -13.08 -8.22
C4N NAP E . 14.86 -10.49 -6.84
C5N NAP E . 13.78 -9.71 -7.24
C6N NAP E . 13.27 -9.84 -8.53
P2B NAP E . 19.34 -15.61 -20.98
O1X NAP E . 18.85 -16.44 -22.15
O2X NAP E . 20.50 -16.27 -20.30
O3X NAP E . 19.51 -14.13 -21.25
C1 EDO F . 16.61 -9.30 -0.05
O1 EDO F . 17.82 -8.69 0.45
C2 EDO F . 15.36 -8.80 0.66
O2 EDO F . 15.57 -8.76 2.07
PA NAP G . -2.95 18.73 -19.46
O1A NAP G . -2.98 17.94 -20.75
O2A NAP G . -4.09 19.69 -19.24
O5B NAP G . -1.60 19.54 -19.28
C5B NAP G . -0.44 18.85 -19.75
C4B NAP G . 0.83 19.69 -19.62
O4B NAP G . 1.93 18.80 -19.96
C3B NAP G . 0.84 20.87 -20.59
O3B NAP G . 1.41 22.06 -20.03
C2B NAP G . 1.75 20.39 -21.71
O2B NAP G . 2.46 21.49 -22.23
C1B NAP G . 2.70 19.44 -21.01
N9A NAP G . 3.33 18.52 -22.02
C8A NAP G . 2.73 17.70 -22.88
N7A NAP G . 3.67 17.07 -23.63
C5A NAP G . 4.88 17.52 -23.27
C6A NAP G . 6.29 17.26 -23.65
N6A NAP G . 6.58 16.39 -24.62
N1A NAP G . 7.27 17.90 -23.01
C2A NAP G . 6.97 18.79 -22.05
N3A NAP G . 5.71 19.05 -21.64
C4A NAP G . 4.65 18.46 -22.20
O3 NAP G . -2.80 17.65 -18.27
PN NAP G . -3.04 18.00 -16.71
O1N NAP G . -2.52 19.38 -16.45
O2N NAP G . -4.43 17.69 -16.27
O5D NAP G . -2.11 16.91 -15.98
C5D NAP G . -0.74 17.23 -15.80
C4D NAP G . -0.10 16.15 -14.97
O4D NAP G . -1.00 15.67 -13.95
C3D NAP G . 0.25 14.95 -15.83
O3D NAP G . 1.54 14.46 -15.40
C2D NAP G . -0.91 14.01 -15.58
O2D NAP G . -0.59 12.62 -15.79
C1D NAP G . -1.21 14.26 -14.13
N1N NAP G . -2.58 13.88 -13.77
C2N NAP G . -3.66 14.64 -14.08
C3N NAP G . -4.92 14.23 -13.68
C7N NAP G . -6.20 14.98 -13.97
O7N NAP G . -7.26 14.47 -13.60
N7N NAP G . -6.20 16.16 -14.61
C4N NAP G . -5.06 13.05 -12.99
C5N NAP G . -3.96 12.30 -12.66
C6N NAP G . -2.71 12.75 -13.05
P2B NAP G . 2.34 21.87 -23.77
O1X NAP G . 3.30 23.05 -23.90
O2X NAP G . 0.89 22.21 -23.99
O3X NAP G . 2.74 20.60 -24.47
C2 QSO H . -14.08 11.15 -14.71
C2 QSO H . -9.97 12.33 -15.82
C4 QSO H . -12.45 10.48 -12.95
C4 QSO H . -8.98 11.27 -13.78
O4 QSO H . -8.59 12.92 -16.31
O4 QSO H . -14.41 10.56 -12.13
C4A QSO H . -11.39 11.11 -13.79
C4A QSO H . -10.38 11.07 -13.31
C8A QSO H . -11.80 11.73 -15.08
C8A QSO H . -11.50 11.53 -14.17
C7 QSO H . -9.50 12.34 -15.49
C7 QSO H . -13.11 10.73 -12.52
C6 QSO H . -9.05 11.77 -14.31
C6 QSO H . -12.09 10.28 -11.67
C5 QSO H . -9.94 11.15 -13.43
C5 QSO H . -10.75 10.42 -12.01
C8 QSO H . -10.84 12.33 -15.89
C8 QSO H . -12.82 11.33 -13.75
C3 QSO H . -13.87 10.53 -13.46
C3 QSO H . -8.82 11.92 -15.12
O1 QSO H . -13.11 11.70 -15.44
O1 QSO H . -11.22 12.13 -15.37
C1' QSO H . -15.04 9.93 -12.76
C1' QSO H . -7.48 12.24 -15.73
O2 QSO H . -12.13 9.96 -11.86
O2 QSO H . -8.00 10.89 -13.08
C2' QSO H . -16.33 10.42 -13.00
C2' QSO H . -7.39 13.46 -16.40
C3' QSO H . -17.44 9.87 -12.38
C3' QSO H . -6.22 13.91 -16.99
C4' QSO H . -17.32 8.80 -11.49
C4' QSO H . -5.08 13.14 -16.94
C5' QSO H . -16.05 8.28 -11.25
C5' QSO H . -5.14 11.90 -16.26
C6' QSO H . -14.93 8.84 -11.87
C6' QSO H . -6.33 11.46 -15.67
O5 QSO H . -18.43 8.26 -10.88
O5 QSO H . -3.97 13.66 -17.54
O3 QSO H . -9.47 10.62 -12.28
O3 QSO H . -9.79 9.97 -11.15
CM QSO H . -19.73 8.85 -10.85
CM QSO H . -2.85 12.89 -17.99
C1 EDO I . 13.80 24.84 -0.49
O1 EDO I . 15.08 25.46 -0.35
C2 EDO I . 12.93 25.21 0.70
O2 EDO I . 12.41 26.51 0.44
PA NAP J . -20.49 -15.78 8.65
O1A NAP J . -21.26 -14.73 9.39
O2A NAP J . -21.02 -16.56 7.48
O5B NAP J . -19.91 -16.79 9.73
C5B NAP J . -19.35 -16.27 10.92
C4B NAP J . -18.62 -17.37 11.66
O4B NAP J . -18.04 -16.77 12.81
C3B NAP J . -19.51 -18.52 12.14
O3B NAP J . -18.94 -19.78 11.80
C2B NAP J . -19.62 -18.27 13.63
O2B NAP J . -19.86 -19.42 14.46
C1B NAP J . -18.30 -17.60 13.93
N9A NAP J . -18.42 -16.80 15.16
C8A NAP J . -19.23 -15.74 15.35
N7A NAP J . -19.09 -15.28 16.60
C5A NAP J . -18.19 -16.05 17.22
C6A NAP J . -17.58 -16.10 18.56
N6A NAP J . -17.92 -15.21 19.52
N1A NAP J . -16.68 -17.05 18.79
C2A NAP J . -16.36 -17.96 17.87
N3A NAP J . -16.87 -17.95 16.62
C4A NAP J . -17.77 -17.04 16.26
O3 NAP J . -19.11 -15.09 8.22
PN NAP J . -18.29 -15.60 6.92
O1N NAP J . -18.03 -17.09 6.86
O2N NAP J . -18.83 -14.86 5.72
O5D NAP J . -16.93 -14.86 7.32
C5D NAP J . -15.95 -15.38 8.20
C4D NAP J . -14.77 -14.41 8.19
O4D NAP J . -14.60 -13.83 6.88
C3D NAP J . -15.00 -13.26 9.14
O3D NAP J . -13.84 -13.02 9.95
C2D NAP J . -15.34 -12.14 8.16
O2D NAP J . -15.14 -10.85 8.70
C1D NAP J . -14.49 -12.43 6.96
N1N NAP J . -14.98 -11.81 5.70
C2N NAP J . -16.07 -12.25 5.04
C3N NAP J . -16.52 -11.62 3.86
C7N NAP J . -17.71 -12.10 3.05
O7N NAP J . -17.94 -11.60 1.95
N7N NAP J . -18.51 -13.10 3.47
C4N NAP J . -15.81 -10.51 3.38
C5N NAP J . -14.70 -10.07 4.08
C6N NAP J . -14.31 -10.73 5.23
P2B NAP J . -21.26 -19.54 15.24
O1X NAP J . -21.25 -20.98 15.72
O2X NAP J . -22.24 -19.20 14.18
O3X NAP J . -21.31 -18.58 16.38
C1 EDO K . -15.40 -7.10 -3.52
O1 EDO K . -16.00 -8.29 -4.08
C2 EDO K . -16.19 -5.85 -3.88
O2 EDO K . -17.49 -5.95 -3.25
C1 EDO L . -11.12 -4.55 22.14
O1 EDO L . -12.55 -4.50 22.41
C2 EDO L . -10.61 -3.33 21.35
O2 EDO L . -10.22 -2.22 22.21
PA NAP M . 4.38 10.78 24.63
O1A NAP M . 4.22 9.57 25.48
O2A NAP M . 5.54 11.71 24.79
O5B NAP M . 3.04 11.61 24.77
C5B NAP M . 1.79 10.94 24.82
C4B NAP M . 0.70 11.97 25.10
O4B NAP M . -0.55 11.29 25.29
C3B NAP M . 0.97 12.77 26.37
O3B NAP M . 0.66 14.12 26.09
C2B NAP M . 0.03 12.23 27.41
O2B NAP M . -0.46 13.17 28.35
C1B NAP M . -1.10 11.75 26.52
N9A NAP M . -1.86 10.68 27.15
C8A NAP M . -1.40 9.53 27.68
N7A NAP M . -2.42 8.82 28.18
C5A NAP M . -3.57 9.53 27.98
C6A NAP M . -5.02 9.39 28.23
N6A NAP M . -5.51 8.31 28.85
N1A NAP M . -5.86 10.39 27.85
C2A NAP M . -5.41 11.50 27.23
N3A NAP M . -4.10 11.69 26.94
C4A NAP M . -3.16 10.76 27.30
O3 NAP M . 4.26 10.26 23.12
PN NAP M . 4.65 11.09 21.77
O1N NAP M . 4.24 12.51 21.94
O2N NAP M . 6.06 10.71 21.40
O5D NAP M . 3.59 10.34 20.80
C5D NAP M . 2.37 11.01 20.49
C4D NAP M . 1.62 10.27 19.40
O4D NAP M . 2.47 9.97 18.29
C3D NAP M . 1.14 8.94 19.96
O3D NAP M . -0.17 8.67 19.48
C2D NAP M . 2.16 7.94 19.41
O2D NAP M . 1.63 6.62 19.36
C1D NAP M . 2.57 8.56 18.08
N1N NAP M . 3.93 8.17 17.69
C2N NAP M . 5.03 8.72 18.25
C3N NAP M . 6.31 8.33 17.87
C7N NAP M . 7.56 8.94 18.43
O7N NAP M . 8.68 8.53 18.02
N7N NAP M . 7.47 9.95 19.32
C4N NAP M . 6.45 7.34 16.87
C5N NAP M . 5.32 6.78 16.30
C6N NAP M . 4.07 7.23 16.73
P2B NAP M . -0.51 12.86 29.93
O1X NAP M . -0.95 14.11 30.62
O2X NAP M . 0.91 12.46 30.15
O3X NAP M . -1.54 11.81 30.14
C2 QSO N . 10.89 5.32 19.48
C4 QSO N . 9.82 5.20 17.24
O4 QSO N . 14.96 4.09 15.25
C4A QSO N . 11.15 4.91 16.68
C8A QSO N . 12.31 4.84 17.60
C7 QSO N . 13.71 4.36 15.69
C6 QSO N . 12.66 4.40 14.77
C5 QSO N . 11.35 4.68 15.23
C8 QSO N . 13.55 4.56 17.06
C3 QSO N . 9.71 5.39 18.71
O1 QSO N . 12.10 5.06 18.94
C1' QSO N . 8.42 5.71 19.40
O2 QSO N . 8.87 5.25 16.43
C2' QSO N . 8.45 6.60 20.49
C3' QSO N . 7.29 6.95 21.18
C4' QSO N . 6.06 6.44 20.84
C5' QSO N . 5.99 5.56 19.76
C6' QSO N . 7.17 5.19 19.04
O5 QSO N . 5.01 6.87 21.57
O3 QSO N . 10.25 4.77 14.43
CM QSO N . 3.85 6.09 21.81
C1 EDO O . 15.46 -5.30 17.63
O1 EDO O . 16.05 -6.56 17.97
C2 EDO O . 15.51 -5.15 16.11
O2 EDO O . 14.95 -3.89 15.70
#